data_5N7D
#
_entry.id   5N7D
#
_cell.length_a   195.810
_cell.length_b   60.680
_cell.length_c   99.710
_cell.angle_alpha   90.00
_cell.angle_beta   98.81
_cell.angle_gamma   90.00
#
_symmetry.space_group_name_H-M   'C 1 2 1'
#
loop_
_entity.id
_entity.type
_entity.pdbx_description
1 polymer 'Membrane-associated guanylate kinase, WW and PDZ domain-containing protein 1,Annexin A2'
2 polymer 'Ribosomal protein S6 kinase alpha-1'
3 non-polymer GLYCEROL
4 non-polymer 'CALCIUM ION'
5 water water
#
loop_
_entity_poly.entity_id
_entity_poly.type
_entity_poly.pdbx_seq_one_letter_code
_entity_poly.pdbx_strand_id
1 'polypeptide(L)'
;GSMGKPFFTRNPSELKGKFIHTKLRKSSRGFGFTVVGGDEPDEFLQIKSLVLDGPAALDGKMETGDVIVSVNDTCVLGHT
HAQVVKIFQSIPIGASVDLELCRGYPLGSSAYGSVKAYTNFDAERDALNIETAIKTKGVDEVTIVNILTNRSNEQRQDIA
FAYQRRTKKELASALKSALSGHLETVILGLLKTPAQYDASELKASMKGLGTDEDSLIEIICSRTNQELQEINRVYKEMYK
TDLEKDIISDTSGDFRKLMVALAKGRRAEDGSVIDYELIDQDARDLYDAGVKRKGTDVPKWISIMTERSVPHLQKVFDRY
KSYSPYDMLESIRKEVKGDLENAFLNLVQCIQNKPLYFADRLYDSMKGKGTRDKVLIRIMVSRSEVDMLKIRSEFKRKYG
KSLYYYIQQDTKGDYQKALLYLCGGDD
;
A,B
2 'polypeptide(L)' GSQDLQLVKGAMAATYSALNSSKPTPQLKPIESSILAQRRVRKLPSTTL C
#
loop_
_chem_comp.id
_chem_comp.type
_chem_comp.name
_chem_comp.formula
CA non-polymer 'CALCIUM ION' 'Ca 2'
GOL non-polymer GLYCEROL 'C3 H8 O3'
#
# COMPACT_ATOMS: atom_id res chain seq x y z
N LYS A 5 -5.25 -21.44 32.92
CA LYS A 5 -6.58 -20.91 32.66
C LYS A 5 -6.71 -19.50 33.23
N PRO A 6 -7.29 -18.58 32.47
CA PRO A 6 -7.45 -17.21 32.95
C PRO A 6 -8.32 -17.18 34.20
N PHE A 7 -7.96 -16.27 35.13
CA PHE A 7 -8.70 -16.17 36.38
C PHE A 7 -10.15 -15.79 36.11
N PHE A 8 -11.06 -16.38 36.88
CA PHE A 8 -12.46 -16.06 36.76
C PHE A 8 -13.15 -16.26 38.10
N THR A 9 -14.09 -15.37 38.41
CA THR A 9 -14.94 -15.52 39.57
C THR A 9 -16.29 -14.88 39.27
N ARG A 10 -17.33 -15.39 39.90
CA ARG A 10 -18.64 -14.76 39.81
C ARG A 10 -18.92 -13.82 40.99
N ASN A 11 -18.02 -13.77 41.97
CA ASN A 11 -18.21 -12.93 43.15
C ASN A 11 -17.36 -11.67 43.02
N PRO A 12 -17.96 -10.49 43.02
CA PRO A 12 -17.16 -9.26 42.92
C PRO A 12 -16.20 -9.08 44.08
N SER A 13 -16.50 -9.64 45.25
CA SER A 13 -15.62 -9.52 46.40
C SER A 13 -14.32 -10.31 46.25
N GLU A 14 -14.10 -10.96 45.11
CA GLU A 14 -12.87 -11.70 44.85
C GLU A 14 -12.10 -11.16 43.65
N LEU A 15 -12.54 -10.02 43.09
CA LEU A 15 -11.81 -9.42 41.98
C LEU A 15 -10.55 -8.73 42.49
N LYS A 16 -9.58 -8.57 41.58
CA LYS A 16 -8.23 -8.16 41.95
C LYS A 16 -8.04 -6.65 41.94
N GLY A 17 -8.15 -6.02 40.77
CA GLY A 17 -7.76 -4.63 40.60
C GLY A 17 -8.66 -3.60 41.24
N LYS A 18 -8.81 -2.46 40.58
CA LYS A 18 -9.64 -1.37 41.08
C LYS A 18 -10.91 -1.23 40.24
N PHE A 19 -11.91 -0.59 40.84
CA PHE A 19 -13.25 -0.53 40.26
C PHE A 19 -13.57 0.89 39.79
N ILE A 20 -14.17 0.97 38.61
CA ILE A 20 -14.54 2.25 38.00
C ILE A 20 -16.04 2.22 37.73
N HIS A 21 -16.72 3.30 38.10
CA HIS A 21 -18.16 3.45 37.86
C HIS A 21 -18.38 4.50 36.78
N THR A 22 -19.06 4.12 35.71
CA THR A 22 -19.32 4.99 34.57
C THR A 22 -20.81 5.07 34.31
N LYS A 23 -21.22 6.20 33.71
CA LYS A 23 -22.60 6.42 33.28
C LYS A 23 -22.56 6.94 31.85
N LEU A 24 -23.06 6.13 30.91
CA LEU A 24 -23.00 6.45 29.49
C LEU A 24 -24.41 6.61 28.93
N ARG A 25 -24.61 7.67 28.15
CA ARG A 25 -25.86 7.89 27.44
C ARG A 25 -25.75 7.30 26.05
N LYS A 26 -26.75 6.49 25.67
CA LYS A 26 -26.70 5.83 24.37
C LYS A 26 -26.87 6.83 23.25
N SER A 27 -25.97 6.78 22.27
CA SER A 27 -25.98 7.67 21.13
C SER A 27 -26.71 7.02 19.97
N SER A 28 -26.66 7.66 18.80
CA SER A 28 -27.26 7.07 17.60
C SER A 28 -26.51 5.83 17.14
N ARG A 29 -25.19 5.78 17.38
CA ARG A 29 -24.36 4.64 17.02
C ARG A 29 -23.96 3.83 18.26
N GLY A 30 -24.88 3.69 19.21
CA GLY A 30 -24.64 2.88 20.38
C GLY A 30 -23.82 3.61 21.43
N PHE A 31 -23.22 2.82 22.32
CA PHE A 31 -22.35 3.34 23.37
C PHE A 31 -20.90 3.47 22.92
N GLY A 32 -20.55 2.98 21.74
CA GLY A 32 -19.23 3.22 21.19
C GLY A 32 -18.10 2.37 21.76
N PHE A 33 -18.36 1.09 22.01
CA PHE A 33 -17.29 0.19 22.42
C PHE A 33 -17.68 -1.24 22.07
N THR A 34 -16.66 -2.09 21.95
CA THR A 34 -16.84 -3.50 21.65
C THR A 34 -16.31 -4.35 22.80
N VAL A 35 -16.88 -5.54 22.97
CA VAL A 35 -16.51 -6.43 24.06
C VAL A 35 -16.09 -7.77 23.49
N VAL A 36 -15.23 -8.47 24.24
CA VAL A 36 -14.80 -9.82 23.92
C VAL A 36 -15.00 -10.70 25.15
N GLY A 37 -14.99 -12.01 24.91
CA GLY A 37 -15.21 -12.96 25.98
C GLY A 37 -16.67 -13.29 26.16
N GLY A 38 -16.93 -14.17 27.14
CA GLY A 38 -18.28 -14.59 27.42
C GLY A 38 -18.79 -15.74 26.57
N ASP A 39 -17.89 -16.52 25.98
CA ASP A 39 -18.28 -17.73 25.25
C ASP A 39 -18.14 -18.96 26.14
N GLU A 40 -16.95 -19.17 26.70
CA GLU A 40 -16.77 -20.18 27.73
C GLU A 40 -17.68 -19.87 28.91
N PRO A 41 -18.28 -20.88 29.55
CA PRO A 41 -19.18 -20.61 30.67
C PRO A 41 -18.57 -19.78 31.79
N ASP A 42 -17.24 -19.82 31.93
CA ASP A 42 -16.53 -19.09 32.99
C ASP A 42 -15.46 -18.21 32.33
N GLU A 43 -15.89 -17.09 31.76
CA GLU A 43 -14.95 -16.19 31.09
C GLU A 43 -15.44 -14.75 31.25
N PHE A 44 -14.54 -13.88 31.71
CA PHE A 44 -14.84 -12.46 31.84
C PHE A 44 -15.21 -11.86 30.49
N LEU A 45 -16.09 -10.87 30.53
CA LEU A 45 -16.30 -9.97 29.39
C LEU A 45 -15.43 -8.74 29.60
N GLN A 46 -14.63 -8.42 28.57
CA GLN A 46 -13.68 -7.33 28.67
C GLN A 46 -13.86 -6.37 27.51
N ILE A 47 -13.45 -5.12 27.74
CA ILE A 47 -13.54 -4.07 26.73
C ILE A 47 -12.48 -4.34 25.67
N LYS A 48 -12.90 -4.64 24.44
CA LYS A 48 -11.97 -4.89 23.36
C LYS A 48 -11.39 -3.59 22.81
N SER A 49 -12.25 -2.62 22.52
CA SER A 49 -11.81 -1.34 22.00
C SER A 49 -12.89 -0.29 22.26
N LEU A 50 -12.50 0.97 22.10
CA LEU A 50 -13.40 2.10 22.29
C LEU A 50 -13.45 2.92 21.01
N VAL A 51 -14.66 3.18 20.53
CA VAL A 51 -14.84 4.01 19.34
C VAL A 51 -14.50 5.45 19.71
N LEU A 52 -13.49 6.00 19.05
CA LEU A 52 -13.17 7.41 19.21
C LEU A 52 -14.34 8.26 18.72
N ASP A 53 -14.51 9.42 19.35
CA ASP A 53 -15.65 10.29 19.12
C ASP A 53 -16.97 9.63 19.53
N GLY A 54 -16.91 8.61 20.38
CA GLY A 54 -18.08 7.94 20.87
C GLY A 54 -18.29 8.17 22.35
N PRO A 55 -19.45 7.77 22.87
CA PRO A 55 -19.77 8.07 24.28
C PRO A 55 -18.78 7.49 25.27
N ALA A 56 -18.35 6.24 25.09
CA ALA A 56 -17.45 5.62 26.06
C ALA A 56 -16.10 6.33 26.10
N ALA A 57 -15.54 6.64 24.92
CA ALA A 57 -14.24 7.31 24.89
C ALA A 57 -14.34 8.76 25.36
N LEU A 58 -15.41 9.46 24.97
CA LEU A 58 -15.55 10.85 25.38
C LEU A 58 -15.78 10.97 26.88
N ASP A 59 -16.37 9.95 27.51
CA ASP A 59 -16.51 9.96 28.96
C ASP A 59 -15.15 9.88 29.64
N GLY A 60 -14.24 9.06 29.11
CA GLY A 60 -12.87 9.04 29.56
C GLY A 60 -12.53 8.01 30.62
N LYS A 61 -13.53 7.36 31.22
CA LYS A 61 -13.28 6.41 32.31
C LYS A 61 -12.98 5.01 31.82
N MET A 62 -13.66 4.57 30.75
CA MET A 62 -13.50 3.20 30.28
C MET A 62 -12.16 3.02 29.56
N GLU A 63 -11.55 1.84 29.74
CA GLU A 63 -10.28 1.53 29.10
C GLU A 63 -10.30 0.08 28.60
N THR A 64 -9.45 -0.19 27.61
CA THR A 64 -9.34 -1.53 27.06
C THR A 64 -8.89 -2.51 28.13
N GLY A 65 -9.45 -3.73 28.08
CA GLY A 65 -9.11 -4.75 29.03
C GLY A 65 -9.94 -4.76 30.29
N ASP A 66 -10.72 -3.71 30.54
CA ASP A 66 -11.54 -3.66 31.75
C ASP A 66 -12.58 -4.78 31.74
N VAL A 67 -12.80 -5.38 32.90
CA VAL A 67 -13.82 -6.40 33.08
C VAL A 67 -15.14 -5.72 33.39
N ILE A 68 -16.19 -6.09 32.66
CA ILE A 68 -17.53 -5.58 32.93
C ILE A 68 -18.09 -6.36 34.12
N VAL A 69 -18.27 -5.68 35.24
CA VAL A 69 -18.73 -6.33 36.46
C VAL A 69 -20.25 -6.34 36.56
N SER A 70 -20.87 -5.17 36.43
CA SER A 70 -22.31 -5.04 36.55
C SER A 70 -22.82 -4.03 35.54
N VAL A 71 -24.07 -4.25 35.11
CA VAL A 71 -24.75 -3.37 34.17
C VAL A 71 -26.11 -3.02 34.76
N ASN A 72 -26.32 -1.73 35.03
CA ASN A 72 -27.55 -1.25 35.66
C ASN A 72 -27.84 -1.98 36.96
N ASP A 73 -26.79 -2.16 37.77
CA ASP A 73 -26.83 -2.78 39.09
C ASP A 73 -27.15 -4.27 39.04
N THR A 74 -27.06 -4.91 37.87
CA THR A 74 -27.13 -6.36 37.77
C THR A 74 -25.72 -6.89 37.50
N CYS A 75 -25.18 -7.65 38.45
CA CYS A 75 -23.87 -8.25 38.25
C CYS A 75 -23.90 -9.21 37.07
N VAL A 76 -22.97 -9.03 36.14
CA VAL A 76 -22.93 -9.82 34.92
C VAL A 76 -21.68 -10.71 34.85
N LEU A 77 -20.99 -10.89 35.96
CA LEU A 77 -19.89 -11.85 36.01
C LEU A 77 -20.43 -13.25 35.81
N GLY A 78 -19.96 -13.93 34.77
CA GLY A 78 -20.45 -15.24 34.41
C GLY A 78 -21.52 -15.26 33.35
N HIS A 79 -22.11 -14.11 33.02
CA HIS A 79 -23.14 -14.05 32.00
C HIS A 79 -22.54 -14.19 30.62
N THR A 80 -23.33 -14.77 29.71
CA THR A 80 -22.84 -15.05 28.37
C THR A 80 -22.67 -13.77 27.56
N HIS A 81 -21.91 -13.88 26.47
CA HIS A 81 -21.72 -12.77 25.56
C HIS A 81 -23.05 -12.29 24.99
N ALA A 82 -23.94 -13.23 24.66
CA ALA A 82 -25.20 -12.87 24.00
C ALA A 82 -26.16 -12.20 24.96
N GLN A 83 -26.15 -12.60 26.24
CA GLN A 83 -27.06 -11.99 27.20
C GLN A 83 -26.69 -10.53 27.46
N VAL A 84 -25.40 -10.23 27.51
CA VAL A 84 -24.97 -8.87 27.86
C VAL A 84 -25.14 -7.92 26.68
N VAL A 85 -24.82 -8.39 25.47
CA VAL A 85 -25.02 -7.57 24.28
C VAL A 85 -26.49 -7.22 24.11
N LYS A 86 -27.39 -8.15 24.46
CA LYS A 86 -28.81 -7.89 24.35
C LYS A 86 -29.26 -6.79 25.31
N ILE A 87 -28.63 -6.70 26.48
CA ILE A 87 -28.98 -5.66 27.45
C ILE A 87 -28.66 -4.28 26.87
N PHE A 88 -27.49 -4.13 26.25
CA PHE A 88 -27.11 -2.83 25.72
C PHE A 88 -27.97 -2.45 24.51
N GLN A 89 -28.29 -3.43 23.66
CA GLN A 89 -29.06 -3.12 22.46
C GLN A 89 -30.49 -2.72 22.78
N SER A 90 -31.07 -3.25 23.86
CA SER A 90 -32.46 -2.93 24.19
C SER A 90 -32.63 -1.52 24.76
N ILE A 91 -31.55 -0.90 25.20
CA ILE A 91 -31.63 0.45 25.78
C ILE A 91 -31.93 1.44 24.66
N PRO A 92 -32.92 2.32 24.82
CA PRO A 92 -33.24 3.28 23.76
C PRO A 92 -32.26 4.45 23.72
N ILE A 93 -32.30 5.16 22.59
CA ILE A 93 -31.42 6.30 22.40
C ILE A 93 -31.74 7.39 23.42
N GLY A 94 -30.70 7.98 24.00
CA GLY A 94 -30.86 8.99 25.02
C GLY A 94 -30.94 8.43 26.44
N ALA A 95 -31.32 7.17 26.60
CA ALA A 95 -31.26 6.55 27.90
C ALA A 95 -29.81 6.27 28.28
N SER A 96 -29.56 6.10 29.57
CA SER A 96 -28.22 5.90 30.10
C SER A 96 -28.04 4.47 30.61
N VAL A 97 -26.78 4.08 30.72
CA VAL A 97 -26.39 2.79 31.30
C VAL A 97 -25.38 3.05 32.42
N ASP A 98 -25.50 2.29 33.50
CA ASP A 98 -24.56 2.38 34.61
C ASP A 98 -23.65 1.16 34.58
N LEU A 99 -22.34 1.40 34.45
CA LEU A 99 -21.36 0.34 34.35
C LEU A 99 -20.40 0.41 35.54
N GLU A 100 -20.11 -0.75 36.12
CA GLU A 100 -19.00 -0.91 37.05
C GLU A 100 -17.96 -1.79 36.37
N LEU A 101 -16.75 -1.27 36.24
CA LEU A 101 -15.67 -1.97 35.57
C LEU A 101 -14.55 -2.29 36.55
N CYS A 102 -13.84 -3.37 36.30
CA CYS A 102 -12.69 -3.78 37.10
C CYS A 102 -11.44 -3.72 36.24
N ARG A 103 -10.45 -2.95 36.69
CA ARG A 103 -9.23 -2.72 35.95
C ARG A 103 -8.08 -3.43 36.66
N GLY A 104 -7.43 -4.36 35.95
CA GLY A 104 -6.33 -5.10 36.52
C GLY A 104 -6.08 -6.43 35.84
N TYR A 105 -7.08 -6.92 35.12
CA TYR A 105 -6.96 -8.16 34.37
C TYR A 105 -6.60 -7.87 32.95
N PRO A 106 -5.58 -8.67 32.43
CA PRO A 106 -5.08 -8.21 31.13
C PRO A 106 -5.80 -8.90 30.03
N LEU A 107 -5.55 -8.44 28.83
CA LEU A 107 -6.16 -9.03 27.68
C LEU A 107 -5.11 -9.35 26.64
N GLY A 108 -5.27 -10.45 25.95
CA GLY A 108 -4.34 -10.82 24.90
C GLY A 108 -2.87 -10.73 25.25
N SER A 109 -2.47 -11.36 26.34
CA SER A 109 -1.07 -11.50 26.62
C SER A 109 -0.56 -12.87 26.19
N SER A 110 0.66 -12.93 25.71
CA SER A 110 1.27 -14.18 25.31
C SER A 110 1.50 -15.09 26.48
N ALA A 111 1.20 -16.35 26.29
CA ALA A 111 1.33 -17.32 27.34
C ALA A 111 2.76 -17.71 27.58
N TYR A 112 3.65 -17.35 26.67
CA TYR A 112 5.03 -17.77 26.79
C TYR A 112 5.98 -16.61 26.95
N GLY A 113 5.45 -15.43 27.20
CA GLY A 113 6.31 -14.31 27.52
C GLY A 113 6.72 -14.34 28.98
N SER A 114 7.88 -13.74 29.26
CA SER A 114 8.36 -13.66 30.63
C SER A 114 7.90 -12.40 31.36
N VAL A 115 7.72 -11.29 30.63
CA VAL A 115 7.33 -10.02 31.21
C VAL A 115 5.82 -9.88 31.09
N LYS A 116 5.15 -9.79 32.23
CA LYS A 116 3.69 -9.67 32.27
C LYS A 116 3.30 -8.27 32.69
N ALA A 117 2.05 -7.91 32.37
CA ALA A 117 1.52 -6.61 32.76
C ALA A 117 1.41 -6.53 34.28
N TYR A 118 1.91 -5.43 34.85
CA TYR A 118 1.78 -5.21 36.28
C TYR A 118 0.32 -4.94 36.63
N THR A 119 -0.20 -5.66 37.62
CA THR A 119 -1.65 -5.67 37.85
C THR A 119 -2.13 -4.38 38.52
N ASN A 120 -1.48 -3.95 39.60
CA ASN A 120 -1.84 -2.71 40.29
C ASN A 120 -1.17 -1.52 39.63
N PHE A 121 -1.32 -1.38 38.32
CA PHE A 121 -0.57 -0.41 37.54
C PHE A 121 -1.05 1.01 37.83
N ASP A 122 -0.09 1.91 38.03
CA ASP A 122 -0.34 3.34 38.29
C ASP A 122 0.74 4.10 37.52
N ALA A 123 0.39 4.52 36.29
CA ALA A 123 1.37 5.16 35.42
C ALA A 123 1.93 6.44 36.04
N GLU A 124 1.09 7.20 36.75
CA GLU A 124 1.56 8.43 37.37
C GLU A 124 2.51 8.16 38.52
N ARG A 125 2.22 7.15 39.33
CA ARG A 125 3.12 6.79 40.42
C ARG A 125 4.47 6.29 39.89
N ASP A 126 4.45 5.56 38.77
CA ASP A 126 5.69 5.09 38.18
C ASP A 126 6.52 6.24 37.62
N ALA A 127 5.88 7.19 36.94
CA ALA A 127 6.62 8.32 36.40
C ALA A 127 7.21 9.18 37.52
N LEU A 128 6.45 9.40 38.59
CA LEU A 128 6.96 10.14 39.73
C LEU A 128 8.20 9.45 40.32
N ASN A 129 8.12 8.13 40.52
CA ASN A 129 9.23 7.41 41.12
C ASN A 129 10.46 7.41 40.21
N ILE A 130 10.24 7.32 38.89
CA ILE A 130 11.35 7.35 37.96
C ILE A 130 12.03 8.72 37.99
N GLU A 131 11.23 9.79 38.06
CA GLU A 131 11.81 11.13 38.12
C GLU A 131 12.67 11.29 39.38
N THR A 132 12.17 10.83 40.52
CA THR A 132 12.95 10.88 41.76
C THR A 132 14.27 10.12 41.62
N ALA A 133 14.23 8.96 40.94
CA ALA A 133 15.45 8.19 40.74
C ALA A 133 16.39 8.90 39.77
N ILE A 134 15.85 9.57 38.77
CA ILE A 134 16.69 10.28 37.81
C ILE A 134 17.37 11.48 38.47
N LYS A 135 16.65 12.19 39.33
CA LYS A 135 17.20 13.37 39.99
C LYS A 135 18.03 13.06 41.22
N THR A 136 18.07 11.81 41.66
CA THR A 136 18.92 11.43 42.78
C THR A 136 20.38 11.68 42.44
N LYS A 137 21.15 12.14 43.42
CA LYS A 137 22.58 12.33 43.23
C LYS A 137 23.24 10.98 43.00
N GLY A 138 23.92 10.85 41.87
CA GLY A 138 24.37 9.54 41.44
C GLY A 138 23.17 8.66 41.20
N VAL A 139 22.53 8.87 40.04
CA VAL A 139 21.28 8.24 39.57
C VAL A 139 20.95 6.93 40.28
N ASP A 140 19.68 6.78 40.70
CA ASP A 140 19.21 5.55 41.34
C ASP A 140 18.76 4.58 40.24
N GLU A 141 19.74 3.83 39.72
CA GLU A 141 19.47 2.92 38.61
C GLU A 141 18.62 1.73 39.05
N VAL A 142 18.78 1.29 40.30
CA VAL A 142 18.05 0.12 40.77
C VAL A 142 16.55 0.34 40.64
N THR A 143 16.07 1.51 41.06
CA THR A 143 14.64 1.81 40.94
C THR A 143 14.21 1.89 39.48
N ILE A 144 15.05 2.46 38.62
CA ILE A 144 14.73 2.55 37.20
C ILE A 144 14.61 1.15 36.60
N VAL A 145 15.53 0.25 36.95
CA VAL A 145 15.48 -1.11 36.42
C VAL A 145 14.33 -1.89 37.04
N ASN A 146 14.13 -1.74 38.36
CA ASN A 146 13.07 -2.50 39.03
C ASN A 146 11.71 -2.20 38.44
N ILE A 147 11.48 -0.96 38.01
CA ILE A 147 10.18 -0.58 37.48
C ILE A 147 10.04 -1.04 36.02
N LEU A 148 10.93 -0.56 35.14
CA LEU A 148 10.70 -0.69 33.71
C LEU A 148 10.74 -2.14 33.25
N THR A 149 11.54 -2.99 33.89
CA THR A 149 11.58 -4.40 33.50
C THR A 149 10.42 -5.20 34.08
N ASN A 150 9.63 -4.61 34.98
CA ASN A 150 8.48 -5.26 35.57
C ASN A 150 7.18 -4.65 35.07
N ARG A 151 7.21 -4.05 33.88
CA ARG A 151 6.03 -3.49 33.24
C ARG A 151 6.00 -3.95 31.80
N SER A 152 4.79 -4.18 31.28
CA SER A 152 4.65 -4.53 29.87
C SER A 152 5.03 -3.33 29.00
N ASN A 153 5.24 -3.61 27.71
CA ASN A 153 5.63 -2.55 26.79
C ASN A 153 4.56 -1.47 26.70
N GLU A 154 3.30 -1.88 26.71
CA GLU A 154 2.20 -0.89 26.67
C GLU A 154 2.23 0.01 27.89
N GLN A 155 2.48 -0.56 29.07
CA GLN A 155 2.53 0.24 30.29
C GLN A 155 3.72 1.20 30.26
N ARG A 156 4.84 0.80 29.66
CA ARG A 156 5.97 1.72 29.54
C ARG A 156 5.61 2.92 28.67
N GLN A 157 4.77 2.71 27.65
CA GLN A 157 4.30 3.82 26.84
C GLN A 157 3.45 4.78 27.66
N ASP A 158 2.63 4.24 28.58
CA ASP A 158 1.84 5.09 29.47
C ASP A 158 2.74 5.81 30.47
N ILE A 159 3.80 5.15 30.94
CA ILE A 159 4.73 5.78 31.86
C ILE A 159 5.42 6.96 31.17
N ALA A 160 5.86 6.75 29.93
CA ALA A 160 6.51 7.82 29.18
C ALA A 160 5.56 9.00 28.96
N PHE A 161 4.29 8.71 28.69
CA PHE A 161 3.32 9.78 28.49
C PHE A 161 3.09 10.58 29.76
N ALA A 162 2.98 9.89 30.90
CA ALA A 162 2.78 10.60 32.17
C ALA A 162 4.04 11.35 32.59
N TYR A 163 5.22 10.82 32.25
CA TYR A 163 6.45 11.52 32.56
C TYR A 163 6.57 12.81 31.77
N GLN A 164 6.27 12.76 30.47
CA GLN A 164 6.31 13.97 29.66
C GLN A 164 5.25 14.96 30.10
N ARG A 165 4.10 14.47 30.57
CA ARG A 165 3.03 15.36 31.00
C ARG A 165 3.40 16.09 32.29
N ARG A 166 4.23 15.49 33.14
CA ARG A 166 4.56 16.13 34.41
C ARG A 166 5.80 17.01 34.32
N THR A 167 6.84 16.56 33.62
CA THR A 167 8.11 17.27 33.57
C THR A 167 8.29 18.08 32.30
N LYS A 168 7.42 17.91 31.30
CA LYS A 168 7.56 18.54 29.98
C LYS A 168 8.85 18.12 29.29
N LYS A 169 9.33 16.91 29.56
CA LYS A 169 10.52 16.37 28.93
C LYS A 169 10.28 14.90 28.59
N GLU A 170 10.82 14.47 27.46
CA GLU A 170 10.68 13.08 27.05
C GLU A 170 11.41 12.16 28.02
N LEU A 171 10.78 11.04 28.36
CA LEU A 171 11.39 10.10 29.30
C LEU A 171 12.65 9.48 28.71
N ALA A 172 12.63 9.14 27.42
CA ALA A 172 13.79 8.54 26.79
C ALA A 172 14.97 9.50 26.74
N SER A 173 14.70 10.79 26.52
CA SER A 173 15.77 11.77 26.51
C SER A 173 16.39 11.93 27.89
N ALA A 174 15.56 11.93 28.94
CA ALA A 174 16.09 12.07 30.29
C ALA A 174 16.87 10.83 30.71
N LEU A 175 16.41 9.64 30.30
CA LEU A 175 17.15 8.42 30.63
C LEU A 175 18.42 8.28 29.81
N LYS A 176 18.43 8.83 28.59
CA LYS A 176 19.65 8.82 27.78
C LYS A 176 20.75 9.66 28.45
N SER A 177 20.36 10.78 29.07
CA SER A 177 21.32 11.64 29.74
C SER A 177 21.76 11.10 31.10
N ALA A 178 20.95 10.25 31.73
CA ALA A 178 21.24 9.78 33.08
C ALA A 178 21.91 8.42 33.11
N LEU A 179 21.67 7.56 32.13
CA LEU A 179 22.24 6.22 32.10
C LEU A 179 23.42 6.17 31.12
N SER A 180 24.17 5.08 31.19
CA SER A 180 25.33 4.91 30.32
C SER A 180 25.58 3.42 30.09
N GLY A 181 26.46 3.13 29.13
CA GLY A 181 26.91 1.78 28.88
C GLY A 181 25.80 0.87 28.38
N HIS A 182 25.93 -0.41 28.70
CA HIS A 182 24.97 -1.41 28.22
C HIS A 182 23.62 -1.26 28.91
N LEU A 183 23.60 -0.74 30.14
CA LEU A 183 22.33 -0.50 30.81
C LEU A 183 21.48 0.51 30.04
N GLU A 184 22.10 1.59 29.58
CA GLU A 184 21.38 2.56 28.76
C GLU A 184 20.81 1.91 27.50
N THR A 185 21.59 1.04 26.85
CA THR A 185 21.11 0.36 25.66
C THR A 185 19.86 -0.45 25.94
N VAL A 186 19.84 -1.16 27.07
CA VAL A 186 18.69 -2.00 27.41
C VAL A 186 17.47 -1.15 27.70
N ILE A 187 17.63 -0.12 28.54
CA ILE A 187 16.47 0.65 28.99
C ILE A 187 15.84 1.40 27.82
N LEU A 188 16.65 2.05 27.00
CA LEU A 188 16.12 2.74 25.83
C LEU A 188 15.41 1.77 24.89
N GLY A 189 15.93 0.55 24.77
CA GLY A 189 15.27 -0.44 23.93
C GLY A 189 13.91 -0.85 24.48
N LEU A 190 13.81 -1.01 25.81
CA LEU A 190 12.53 -1.35 26.41
C LEU A 190 11.49 -0.25 26.20
N LEU A 191 11.94 1.00 26.05
CA LEU A 191 10.99 2.11 25.98
C LEU A 191 10.30 2.18 24.63
N LYS A 192 10.92 1.68 23.58
CA LYS A 192 10.30 1.70 22.26
C LYS A 192 9.25 0.60 22.15
N THR A 193 8.23 0.86 21.33
CA THR A 193 7.29 -0.18 20.96
C THR A 193 8.03 -1.27 20.17
N PRO A 194 7.46 -2.48 20.09
CA PRO A 194 8.14 -3.55 19.36
C PRO A 194 8.53 -3.16 17.93
N ALA A 195 7.63 -2.49 17.22
CA ALA A 195 7.92 -2.07 15.84
C ALA A 195 8.95 -0.95 15.81
N GLN A 196 8.87 -0.01 16.75
CA GLN A 196 9.86 1.07 16.79
C GLN A 196 11.25 0.51 17.10
N TYR A 197 11.32 -0.48 17.98
CA TYR A 197 12.61 -1.08 18.32
C TYR A 197 13.20 -1.81 17.13
N ASP A 198 12.41 -2.67 16.47
CA ASP A 198 12.91 -3.40 15.31
C ASP A 198 13.26 -2.45 14.17
N ALA A 199 12.45 -1.40 13.97
CA ALA A 199 12.74 -0.45 12.89
C ALA A 199 14.07 0.24 13.11
N SER A 200 14.34 0.66 14.35
CA SER A 200 15.60 1.34 14.64
C SER A 200 16.78 0.36 14.67
N GLU A 201 16.54 -0.88 15.07
CA GLU A 201 17.60 -1.89 14.97
C GLU A 201 17.96 -2.17 13.52
N LEU A 202 16.96 -2.13 12.63
CA LEU A 202 17.21 -2.34 11.22
C LEU A 202 17.99 -1.18 10.62
N LYS A 203 17.58 0.05 10.90
CA LYS A 203 18.32 1.22 10.41
C LYS A 203 19.76 1.21 10.90
N ALA A 204 19.98 0.84 12.17
CA ALA A 204 21.33 0.82 12.71
C ALA A 204 22.19 -0.24 12.00
N SER A 205 21.58 -1.36 11.62
CA SER A 205 22.34 -2.42 10.97
C SER A 205 22.79 -2.04 9.57
N MET A 206 22.14 -1.05 8.95
CA MET A 206 22.51 -0.61 7.61
C MET A 206 23.26 0.72 7.65
N LYS A 207 24.24 0.83 8.55
CA LYS A 207 25.02 2.05 8.65
C LYS A 207 25.80 2.32 7.37
N GLY A 208 26.27 1.26 6.71
CA GLY A 208 26.94 1.36 5.43
C GLY A 208 26.83 0.05 4.68
N LEU A 209 27.50 -0.07 3.53
CA LEU A 209 27.49 -1.32 2.81
C LEU A 209 28.24 -2.42 3.57
N GLY A 210 29.16 -2.04 4.45
CA GLY A 210 29.74 -2.98 5.41
C GLY A 210 28.77 -3.21 6.54
N THR A 211 27.66 -3.87 6.22
CA THR A 211 26.49 -3.95 7.09
C THR A 211 26.62 -5.08 8.10
N ASP A 212 26.19 -4.81 9.33
CA ASP A 212 25.95 -5.87 10.30
C ASP A 212 24.85 -6.79 9.76
N GLU A 213 25.24 -7.68 8.82
CA GLU A 213 24.27 -8.55 8.17
C GLU A 213 23.55 -9.44 9.18
N ASP A 214 24.24 -9.85 10.25
CA ASP A 214 23.64 -10.72 11.25
C ASP A 214 22.35 -10.13 11.80
N SER A 215 22.37 -8.83 12.12
CA SER A 215 21.20 -8.20 12.73
C SER A 215 20.06 -8.09 11.73
N LEU A 216 20.35 -7.65 10.51
CA LEU A 216 19.33 -7.60 9.46
C LEU A 216 18.73 -8.97 9.21
N ILE A 217 19.58 -9.99 9.09
CA ILE A 217 19.10 -11.35 8.85
C ILE A 217 18.24 -11.81 10.03
N GLU A 218 18.71 -11.57 11.25
CA GLU A 218 18.00 -12.07 12.43
C GLU A 218 16.59 -11.50 12.53
N ILE A 219 16.44 -10.20 12.24
CA ILE A 219 15.12 -9.57 12.39
C ILE A 219 14.20 -9.99 11.24
N ILE A 220 14.71 -9.91 10.01
CA ILE A 220 13.85 -10.15 8.85
C ILE A 220 13.45 -11.62 8.76
N CYS A 221 14.31 -12.53 9.19
CA CYS A 221 13.99 -13.95 9.10
C CYS A 221 13.05 -14.42 10.19
N SER A 222 13.01 -13.74 11.33
CA SER A 222 12.26 -14.23 12.49
C SER A 222 10.94 -13.53 12.73
N ARG A 223 10.65 -12.44 12.02
CA ARG A 223 9.43 -11.68 12.26
C ARG A 223 8.29 -12.22 11.40
N THR A 224 7.08 -12.15 11.95
CA THR A 224 5.90 -12.66 11.27
C THR A 224 5.35 -11.61 10.31
N ASN A 225 4.38 -12.03 9.49
CA ASN A 225 3.67 -11.10 8.62
C ASN A 225 3.17 -9.89 9.40
N GLN A 226 2.38 -10.14 10.44
CA GLN A 226 1.79 -9.05 11.21
C GLN A 226 2.87 -8.10 11.74
N GLU A 227 3.94 -8.65 12.31
CA GLU A 227 5.00 -7.82 12.85
C GLU A 227 5.71 -7.02 11.76
N LEU A 228 5.81 -7.59 10.55
CA LEU A 228 6.52 -6.91 9.46
C LEU A 228 5.70 -5.80 8.83
N GLN A 229 4.37 -5.92 8.79
CA GLN A 229 3.56 -4.81 8.31
C GLN A 229 3.76 -3.57 9.17
N GLU A 230 3.78 -3.76 10.49
CA GLU A 230 3.93 -2.62 11.39
C GLU A 230 5.36 -2.08 11.35
N ILE A 231 6.35 -2.95 11.15
CA ILE A 231 7.73 -2.50 10.99
C ILE A 231 7.85 -1.62 9.74
N ASN A 232 7.31 -2.10 8.62
CA ASN A 232 7.37 -1.34 7.38
C ASN A 232 6.67 0.01 7.52
N ARG A 233 5.53 0.05 8.21
CA ARG A 233 4.81 1.30 8.40
C ARG A 233 5.59 2.25 9.31
N VAL A 234 6.10 1.73 10.42
CA VAL A 234 6.79 2.58 11.39
C VAL A 234 8.16 3.01 10.86
N TYR A 235 8.83 2.15 10.10
CA TYR A 235 10.13 2.52 9.53
C TYR A 235 10.00 3.73 8.62
N LYS A 236 8.95 3.78 7.80
CA LYS A 236 8.77 4.93 6.92
C LYS A 236 8.40 6.18 7.70
N GLU A 237 7.66 6.04 8.80
CA GLU A 237 7.36 7.20 9.63
C GLU A 237 8.63 7.78 10.25
N MET A 238 9.47 6.92 10.83
CA MET A 238 10.62 7.40 11.58
C MET A 238 11.70 7.95 10.66
N TYR A 239 11.92 7.32 9.51
CA TYR A 239 13.07 7.64 8.68
C TYR A 239 12.70 8.18 7.31
N LYS A 240 11.40 8.35 7.02
CA LYS A 240 10.92 9.00 5.79
C LYS A 240 11.41 8.29 4.53
N THR A 241 11.77 7.02 4.65
CA THR A 241 12.16 6.22 3.50
C THR A 241 11.68 4.79 3.73
N ASP A 242 11.22 4.14 2.66
CA ASP A 242 10.71 2.78 2.79
C ASP A 242 11.83 1.82 3.19
N LEU A 243 11.48 0.81 3.99
CA LEU A 243 12.47 -0.17 4.42
C LEU A 243 13.03 -0.92 3.22
N GLU A 244 12.20 -1.22 2.23
CA GLU A 244 12.65 -1.98 1.07
C GLU A 244 13.75 -1.23 0.32
N LYS A 245 13.60 0.09 0.20
CA LYS A 245 14.61 0.87 -0.53
C LYS A 245 15.95 0.84 0.19
N ASP A 246 15.95 0.88 1.53
CA ASP A 246 17.20 0.82 2.26
C ASP A 246 17.81 -0.58 2.20
N ILE A 247 16.99 -1.63 2.16
CA ILE A 247 17.52 -2.97 1.95
C ILE A 247 18.12 -3.09 0.55
N ILE A 248 17.43 -2.54 -0.45
CA ILE A 248 17.93 -2.57 -1.82
C ILE A 248 19.25 -1.80 -1.92
N SER A 249 19.34 -0.66 -1.22
CA SER A 249 20.57 0.12 -1.23
C SER A 249 21.70 -0.55 -0.48
N ASP A 250 21.40 -1.50 0.40
CA ASP A 250 22.39 -2.06 1.32
C ASP A 250 22.71 -3.52 1.03
N THR A 251 22.05 -4.15 0.07
CA THR A 251 22.29 -5.54 -0.26
C THR A 251 22.44 -5.70 -1.77
N SER A 252 22.83 -6.89 -2.20
CA SER A 252 23.03 -7.17 -3.61
C SER A 252 22.84 -8.67 -3.87
N GLY A 253 22.70 -9.01 -5.15
CA GLY A 253 22.63 -10.39 -5.57
C GLY A 253 21.40 -11.11 -5.05
N ASP A 254 21.51 -12.43 -4.93
CA ASP A 254 20.41 -13.23 -4.43
C ASP A 254 20.10 -12.94 -2.97
N PHE A 255 21.13 -12.58 -2.19
CA PHE A 255 20.89 -12.19 -0.80
C PHE A 255 19.91 -11.02 -0.73
N ARG A 256 20.07 -10.05 -1.62
CA ARG A 256 19.12 -8.94 -1.69
C ARG A 256 17.72 -9.43 -2.01
N LYS A 257 17.59 -10.28 -3.04
CA LYS A 257 16.28 -10.79 -3.43
C LYS A 257 15.60 -11.52 -2.30
N LEU A 258 16.37 -12.21 -1.45
CA LEU A 258 15.79 -12.96 -0.36
C LEU A 258 15.31 -12.05 0.76
N MET A 259 16.12 -11.04 1.12
CA MET A 259 15.71 -10.12 2.17
C MET A 259 14.52 -9.26 1.76
N VAL A 260 14.51 -8.80 0.51
CA VAL A 260 13.37 -8.03 0.01
C VAL A 260 12.11 -8.86 0.07
N ALA A 261 12.18 -10.13 -0.32
CA ALA A 261 10.98 -10.97 -0.32
C ALA A 261 10.45 -11.19 1.09
N LEU A 262 11.35 -11.45 2.05
CA LEU A 262 10.92 -11.71 3.42
C LEU A 262 10.36 -10.45 4.06
N ALA A 263 11.01 -9.29 3.82
CA ALA A 263 10.61 -8.06 4.49
C ALA A 263 9.23 -7.58 4.06
N LYS A 264 8.71 -8.07 2.92
CA LYS A 264 7.37 -7.67 2.50
C LYS A 264 6.30 -8.15 3.47
N GLY A 265 6.57 -9.22 4.22
CA GLY A 265 5.60 -9.75 5.15
C GLY A 265 4.34 -10.25 4.49
N ARG A 266 4.47 -10.92 3.36
CA ARG A 266 3.33 -11.41 2.58
C ARG A 266 3.33 -12.93 2.48
N ARG A 267 3.93 -13.60 3.46
CA ARG A 267 3.91 -15.05 3.50
C ARG A 267 2.47 -15.54 3.59
N ALA A 268 2.17 -16.64 2.88
CA ALA A 268 0.84 -17.21 2.92
C ALA A 268 0.46 -17.58 4.34
N GLU A 269 -0.78 -17.29 4.71
CA GLU A 269 -1.23 -17.51 6.07
C GLU A 269 -1.47 -18.99 6.32
N ASP A 270 -1.47 -19.37 7.59
CA ASP A 270 -1.67 -20.76 7.97
C ASP A 270 -3.04 -21.25 7.53
N GLY A 271 -3.06 -22.29 6.70
CA GLY A 271 -4.30 -22.87 6.23
C GLY A 271 -4.90 -23.85 7.21
N SER A 272 -6.19 -24.11 7.03
CA SER A 272 -6.88 -25.10 7.87
C SER A 272 -6.63 -26.52 7.38
N VAL A 273 -6.39 -26.70 6.09
CA VAL A 273 -6.21 -28.03 5.50
C VAL A 273 -4.74 -28.22 5.14
N ILE A 274 -4.22 -29.39 5.46
CA ILE A 274 -2.86 -29.76 5.08
C ILE A 274 -2.86 -30.19 3.61
N ASP A 275 -2.00 -29.57 2.81
CA ASP A 275 -1.93 -29.85 1.38
C ASP A 275 -0.79 -30.84 1.15
N TYR A 276 -1.13 -32.13 1.27
CA TYR A 276 -0.09 -33.16 1.23
C TYR A 276 0.56 -33.26 -0.14
N GLU A 277 -0.20 -33.04 -1.21
CA GLU A 277 0.37 -33.12 -2.55
C GLU A 277 1.36 -31.99 -2.79
N LEU A 278 1.02 -30.77 -2.36
CA LEU A 278 1.94 -29.65 -2.51
C LEU A 278 3.16 -29.81 -1.60
N ILE A 279 2.99 -30.44 -0.43
CA ILE A 279 4.13 -30.71 0.44
C ILE A 279 5.17 -31.56 -0.27
N ASP A 280 4.72 -32.65 -0.91
CA ASP A 280 5.64 -33.51 -1.64
C ASP A 280 6.26 -32.79 -2.83
N GLN A 281 5.44 -32.03 -3.57
CA GLN A 281 5.96 -31.36 -4.76
C GLN A 281 6.98 -30.29 -4.38
N ASP A 282 6.70 -29.51 -3.32
CA ASP A 282 7.68 -28.53 -2.85
C ASP A 282 8.97 -29.20 -2.43
N ALA A 283 8.88 -30.35 -1.75
CA ALA A 283 10.10 -31.05 -1.33
C ALA A 283 10.91 -31.50 -2.53
N ARG A 284 10.26 -32.03 -3.56
CA ARG A 284 10.98 -32.43 -4.77
C ARG A 284 11.60 -31.22 -5.45
N ASP A 285 10.88 -30.09 -5.46
CA ASP A 285 11.41 -28.88 -6.10
C ASP A 285 12.65 -28.38 -5.38
N LEU A 286 12.64 -28.40 -4.04
CA LEU A 286 13.84 -28.00 -3.30
C LEU A 286 15.01 -28.94 -3.58
N TYR A 287 14.72 -30.23 -3.72
CA TYR A 287 15.77 -31.19 -4.03
C TYR A 287 16.28 -31.00 -5.45
N ASP A 288 15.38 -30.91 -6.42
CA ASP A 288 15.79 -30.71 -7.81
C ASP A 288 16.53 -29.38 -7.99
N ALA A 289 16.20 -28.37 -7.20
CA ALA A 289 16.84 -27.06 -7.36
C ALA A 289 18.24 -27.01 -6.79
N GLY A 290 18.63 -27.99 -5.96
CA GLY A 290 19.90 -27.92 -5.28
C GLY A 290 20.76 -29.17 -5.34
N VAL A 291 20.63 -30.03 -4.32
CA VAL A 291 21.54 -31.14 -4.13
C VAL A 291 21.57 -32.06 -5.36
N LYS A 292 20.43 -32.23 -6.02
CA LYS A 292 20.34 -33.15 -7.15
C LYS A 292 21.13 -32.69 -8.36
N ARG A 293 21.33 -31.38 -8.52
CA ARG A 293 21.92 -30.83 -9.73
C ARG A 293 23.23 -30.11 -9.42
N LYS A 294 24.03 -29.92 -10.46
CA LYS A 294 25.21 -29.07 -10.36
C LYS A 294 24.77 -27.61 -10.22
N GLY A 295 25.39 -26.90 -9.29
CA GLY A 295 24.92 -25.55 -9.05
C GLY A 295 23.62 -25.55 -8.26
N THR A 296 22.95 -24.40 -8.27
CA THR A 296 21.74 -24.22 -7.49
C THR A 296 20.78 -23.30 -8.23
N ASP A 297 19.48 -23.64 -8.16
CA ASP A 297 18.43 -22.75 -8.63
C ASP A 297 17.92 -21.97 -7.43
N VAL A 298 18.64 -20.89 -7.10
CA VAL A 298 18.32 -20.12 -5.89
C VAL A 298 16.94 -19.50 -5.94
N PRO A 299 16.49 -18.87 -7.03
CA PRO A 299 15.12 -18.32 -7.04
C PRO A 299 14.04 -19.32 -6.66
N LYS A 300 14.22 -20.60 -7.00
CA LYS A 300 13.22 -21.60 -6.60
C LYS A 300 13.24 -21.82 -5.10
N TRP A 301 14.42 -21.80 -4.48
CA TRP A 301 14.51 -21.87 -3.03
C TRP A 301 13.87 -20.65 -2.38
N ILE A 302 14.19 -19.46 -2.88
CA ILE A 302 13.63 -18.23 -2.32
C ILE A 302 12.11 -18.24 -2.42
N SER A 303 11.60 -18.65 -3.58
CA SER A 303 10.15 -18.62 -3.80
C SER A 303 9.42 -19.53 -2.81
N ILE A 304 9.92 -20.76 -2.64
CA ILE A 304 9.20 -21.72 -1.79
C ILE A 304 9.33 -21.34 -0.31
N MET A 305 10.52 -20.93 0.11
CA MET A 305 10.75 -20.68 1.53
C MET A 305 10.23 -19.33 2.01
N THR A 306 9.92 -18.40 1.09
CA THR A 306 9.34 -17.12 1.49
C THR A 306 7.82 -17.05 1.33
N GLU A 307 7.24 -17.87 0.46
CA GLU A 307 5.82 -17.75 0.12
C GLU A 307 4.93 -18.76 0.83
N ARG A 308 5.43 -19.95 1.14
CA ARG A 308 4.62 -20.96 1.80
C ARG A 308 4.46 -20.66 3.29
N SER A 309 3.35 -21.10 3.86
CA SER A 309 3.12 -20.91 5.28
C SER A 309 4.14 -21.71 6.10
N VAL A 310 4.35 -21.26 7.35
CA VAL A 310 5.33 -21.91 8.21
C VAL A 310 4.94 -23.35 8.53
N PRO A 311 3.70 -23.67 8.93
CA PRO A 311 3.37 -25.09 9.15
C PRO A 311 3.55 -25.94 7.91
N HIS A 312 3.28 -25.38 6.73
CA HIS A 312 3.49 -26.11 5.49
C HIS A 312 4.96 -26.43 5.30
N LEU A 313 5.84 -25.42 5.48
CA LEU A 313 7.26 -25.61 5.26
C LEU A 313 7.89 -26.57 6.26
N GLN A 314 7.36 -26.63 7.48
CA GLN A 314 7.85 -27.62 8.44
C GLN A 314 7.63 -29.03 7.91
N LYS A 315 6.46 -29.29 7.33
CA LYS A 315 6.23 -30.61 6.76
C LYS A 315 7.00 -30.80 5.46
N VAL A 316 7.24 -29.72 4.71
CA VAL A 316 8.06 -29.80 3.50
C VAL A 316 9.48 -30.23 3.85
N PHE A 317 10.06 -29.59 4.88
CA PHE A 317 11.43 -29.93 5.28
C PHE A 317 11.53 -31.37 5.77
N ASP A 318 10.47 -31.90 6.39
CA ASP A 318 10.50 -33.30 6.79
C ASP A 318 10.36 -34.21 5.58
N ARG A 319 9.50 -33.87 4.63
CA ARG A 319 9.37 -34.66 3.41
C ARG A 319 10.62 -34.56 2.55
N TYR A 320 11.33 -33.42 2.63
CA TYR A 320 12.57 -33.26 1.87
C TYR A 320 13.61 -34.30 2.25
N LYS A 321 13.63 -34.73 3.52
CA LYS A 321 14.59 -35.75 3.93
C LYS A 321 14.32 -37.10 3.28
N SER A 322 13.13 -37.30 2.71
CA SER A 322 12.84 -38.56 2.02
C SER A 322 13.52 -38.63 0.66
N TYR A 323 13.76 -37.49 0.02
CA TYR A 323 14.38 -37.44 -1.30
C TYR A 323 15.88 -37.19 -1.25
N SER A 324 16.33 -36.34 -0.34
CA SER A 324 17.70 -35.89 -0.23
C SER A 324 18.46 -36.68 0.82
N PRO A 325 19.75 -36.97 0.59
CA PRO A 325 20.57 -37.60 1.63
C PRO A 325 20.92 -36.66 2.78
N TYR A 326 20.71 -35.36 2.62
CA TYR A 326 21.00 -34.38 3.65
C TYR A 326 19.72 -33.61 3.97
N ASP A 327 19.57 -33.19 5.22
CA ASP A 327 18.42 -32.38 5.55
C ASP A 327 18.59 -30.96 5.00
N MET A 328 17.58 -30.12 5.21
CA MET A 328 17.57 -28.81 4.59
C MET A 328 18.76 -27.96 5.03
N LEU A 329 19.06 -27.95 6.33
CA LEU A 329 20.16 -27.13 6.83
C LEU A 329 21.49 -27.59 6.24
N GLU A 330 21.72 -28.90 6.21
CA GLU A 330 22.97 -29.41 5.64
C GLU A 330 23.03 -29.16 4.14
N SER A 331 21.89 -29.26 3.45
CA SER A 331 21.86 -28.96 2.02
C SER A 331 22.24 -27.51 1.76
N ILE A 332 21.77 -26.59 2.61
CA ILE A 332 22.11 -25.19 2.45
C ILE A 332 23.62 -24.99 2.57
N ARG A 333 24.23 -25.61 3.58
CA ARG A 333 25.67 -25.44 3.79
C ARG A 333 26.48 -25.96 2.61
N LYS A 334 25.93 -26.91 1.85
CA LYS A 334 26.64 -27.47 0.71
C LYS A 334 26.39 -26.70 -0.58
N GLU A 335 25.27 -26.00 -0.69
CA GLU A 335 24.85 -25.38 -1.94
C GLU A 335 25.25 -23.93 -2.09
N VAL A 336 25.24 -23.14 -1.01
CA VAL A 336 25.45 -21.70 -1.11
C VAL A 336 26.44 -21.26 -0.03
N LYS A 337 26.88 -20.00 -0.14
CA LYS A 337 27.89 -19.44 0.75
C LYS A 337 27.55 -18.01 1.08
N GLY A 338 28.34 -17.42 1.98
CA GLY A 338 28.25 -16.00 2.26
C GLY A 338 27.00 -15.62 3.03
N ASP A 339 26.51 -14.41 2.75
CA ASP A 339 25.32 -13.90 3.42
C ASP A 339 24.08 -14.68 2.99
N LEU A 340 24.05 -15.12 1.73
CA LEU A 340 22.93 -15.93 1.26
C LEU A 340 22.81 -17.21 2.09
N GLU A 341 23.93 -17.91 2.29
CA GLU A 341 23.90 -19.12 3.11
C GLU A 341 23.45 -18.82 4.52
N ASN A 342 24.01 -17.77 5.13
CA ASN A 342 23.64 -17.42 6.50
C ASN A 342 22.16 -17.10 6.60
N ALA A 343 21.61 -16.39 5.60
CA ALA A 343 20.19 -16.04 5.62
C ALA A 343 19.31 -17.28 5.52
N PHE A 344 19.64 -18.21 4.62
CA PHE A 344 18.87 -19.44 4.50
C PHE A 344 18.94 -20.26 5.78
N LEU A 345 20.11 -20.29 6.42
CA LEU A 345 20.24 -21.06 7.65
C LEU A 345 19.40 -20.46 8.78
N ASN A 346 19.40 -19.14 8.91
CA ASN A 346 18.57 -18.49 9.93
C ASN A 346 17.09 -18.70 9.66
N LEU A 347 16.68 -18.52 8.39
CA LEU A 347 15.27 -18.66 8.04
C LEU A 347 14.77 -20.08 8.31
N VAL A 348 15.54 -21.10 7.90
CA VAL A 348 15.12 -22.48 8.12
C VAL A 348 15.03 -22.78 9.61
N GLN A 349 15.98 -22.28 10.40
CA GLN A 349 15.89 -22.47 11.84
C GLN A 349 14.63 -21.79 12.40
N CYS A 350 14.31 -20.59 11.91
CA CYS A 350 13.13 -19.89 12.39
C CYS A 350 11.85 -20.64 12.05
N ILE A 351 11.82 -21.28 10.88
CA ILE A 351 10.65 -22.05 10.48
C ILE A 351 10.52 -23.31 11.34
N GLN A 352 11.63 -24.01 11.54
CA GLN A 352 11.58 -25.31 12.21
C GLN A 352 11.32 -25.14 13.71
N ASN A 353 12.04 -24.22 14.37
CA ASN A 353 11.92 -24.06 15.82
C ASN A 353 12.50 -22.68 16.16
N LYS A 354 11.62 -21.68 16.15
CA LYS A 354 12.06 -20.32 16.41
C LYS A 354 12.57 -20.13 17.84
N PRO A 355 11.95 -20.68 18.90
CA PRO A 355 12.56 -20.53 20.22
C PRO A 355 13.93 -21.16 20.33
N LEU A 356 14.15 -22.32 19.71
CA LEU A 356 15.49 -22.91 19.69
C LEU A 356 16.46 -22.02 18.92
N TYR A 357 15.98 -21.39 17.85
CA TYR A 357 16.82 -20.48 17.08
C TYR A 357 17.36 -19.36 17.96
N PHE A 358 16.49 -18.73 18.76
CA PHE A 358 16.95 -17.65 19.62
C PHE A 358 17.80 -18.17 20.77
N ALA A 359 17.52 -19.38 21.26
CA ALA A 359 18.36 -19.96 22.30
C ALA A 359 19.77 -20.19 21.80
N ASP A 360 19.92 -20.66 20.56
CA ASP A 360 21.25 -20.83 19.99
C ASP A 360 21.94 -19.49 19.75
N ARG A 361 21.20 -18.48 19.29
CA ARG A 361 21.81 -17.17 19.13
C ARG A 361 22.21 -16.57 20.47
N LEU A 362 21.44 -16.84 21.53
CA LEU A 362 21.84 -16.38 22.86
C LEU A 362 23.11 -17.09 23.32
N TYR A 363 23.20 -18.41 23.07
CA TYR A 363 24.40 -19.15 23.46
C TYR A 363 25.62 -18.62 22.72
N ASP A 364 25.49 -18.40 21.41
CA ASP A 364 26.61 -17.88 20.63
C ASP A 364 27.05 -16.50 21.12
N SER A 365 26.12 -15.67 21.59
CA SER A 365 26.48 -14.33 22.01
C SER A 365 27.29 -14.31 23.29
N MET A 366 27.25 -15.40 24.07
CA MET A 366 27.91 -15.44 25.37
C MET A 366 28.98 -16.51 25.50
N LYS A 367 29.01 -17.53 24.63
CA LYS A 367 29.85 -18.70 24.88
C LYS A 367 31.33 -18.35 24.94
N GLY A 368 31.77 -17.45 24.07
CA GLY A 368 33.19 -17.17 23.90
C GLY A 368 33.69 -15.99 24.71
N LYS A 369 34.81 -15.44 24.26
CA LYS A 369 35.40 -14.28 24.92
C LYS A 369 34.44 -13.10 24.92
N GLY A 370 34.27 -12.48 26.08
CA GLY A 370 33.38 -11.33 26.12
C GLY A 370 31.95 -11.68 25.75
N THR A 371 31.26 -10.72 25.14
CA THR A 371 29.83 -10.86 24.87
C THR A 371 29.48 -10.10 23.60
N ARG A 372 28.59 -10.68 22.79
CA ARG A 372 27.93 -9.93 21.71
C ARG A 372 26.69 -9.26 22.32
N ASP A 373 26.95 -8.17 23.05
CA ASP A 373 25.89 -7.51 23.81
C ASP A 373 24.75 -7.06 22.90
N LYS A 374 25.09 -6.59 21.71
CA LYS A 374 24.06 -6.12 20.78
C LYS A 374 23.07 -7.23 20.44
N VAL A 375 23.56 -8.45 20.24
CA VAL A 375 22.66 -9.58 19.97
C VAL A 375 21.92 -9.97 21.24
N LEU A 376 22.64 -10.08 22.35
CA LEU A 376 22.02 -10.51 23.60
C LEU A 376 20.94 -9.53 24.05
N ILE A 377 21.23 -8.23 23.99
CA ILE A 377 20.25 -7.23 24.43
C ILE A 377 19.01 -7.27 23.56
N ARG A 378 19.20 -7.28 22.23
CA ARG A 378 18.05 -7.21 21.32
C ARG A 378 17.11 -8.40 21.52
N ILE A 379 17.66 -9.59 21.75
CA ILE A 379 16.82 -10.77 21.93
C ILE A 379 16.08 -10.70 23.25
N MET A 380 16.77 -10.30 24.33
CA MET A 380 16.09 -10.22 25.62
C MET A 380 15.00 -9.17 25.62
N VAL A 381 15.19 -8.08 24.88
CA VAL A 381 14.17 -7.04 24.80
C VAL A 381 13.01 -7.47 23.91
N SER A 382 13.30 -8.02 22.74
CA SER A 382 12.26 -8.24 21.74
C SER A 382 11.46 -9.52 21.96
N ARG A 383 12.00 -10.48 22.71
CA ARG A 383 11.32 -11.75 22.93
C ARG A 383 10.76 -11.91 24.33
N SER A 384 11.01 -10.95 25.23
CA SER A 384 10.54 -11.05 26.61
C SER A 384 9.01 -11.10 26.71
N GLU A 385 8.29 -10.57 25.72
CA GLU A 385 6.84 -10.62 25.72
C GLU A 385 6.29 -11.52 24.62
N VAL A 386 7.15 -12.29 23.95
CA VAL A 386 6.71 -13.19 22.90
C VAL A 386 6.83 -14.63 23.37
N ASP A 387 8.06 -15.17 23.39
CA ASP A 387 8.25 -16.59 23.64
C ASP A 387 9.44 -16.87 24.55
N MET A 388 9.70 -15.99 25.53
CA MET A 388 10.89 -16.13 26.35
C MET A 388 10.87 -17.41 27.18
N LEU A 389 9.68 -17.90 27.56
CA LEU A 389 9.62 -19.12 28.34
C LEU A 389 9.98 -20.35 27.50
N LYS A 390 9.62 -20.34 26.22
CA LYS A 390 10.04 -21.43 25.34
C LYS A 390 11.53 -21.35 25.03
N ILE A 391 12.05 -20.13 24.88
CA ILE A 391 13.48 -19.94 24.66
C ILE A 391 14.27 -20.49 25.83
N ARG A 392 13.82 -20.20 27.06
CA ARG A 392 14.49 -20.73 28.23
C ARG A 392 14.39 -22.24 28.32
N SER A 393 13.23 -22.79 27.94
CA SER A 393 13.04 -24.24 27.98
C SER A 393 13.97 -24.93 27.00
N GLU A 394 14.06 -24.41 25.77
CA GLU A 394 14.96 -24.98 24.77
C GLU A 394 16.42 -24.81 25.19
N PHE A 395 16.75 -23.68 25.81
CA PHE A 395 18.14 -23.43 26.21
C PHE A 395 18.59 -24.42 27.28
N LYS A 396 17.80 -24.58 28.34
CA LYS A 396 18.16 -25.49 29.43
C LYS A 396 18.23 -26.93 28.94
N ARG A 397 17.33 -27.33 28.04
CA ARG A 397 17.34 -28.69 27.53
C ARG A 397 18.62 -28.98 26.75
N LYS A 398 19.06 -28.04 25.92
CA LYS A 398 20.19 -28.30 25.05
C LYS A 398 21.52 -28.15 25.77
N TYR A 399 21.66 -27.08 26.57
CA TYR A 399 22.95 -26.71 27.13
C TYR A 399 23.13 -27.11 28.59
N GLY A 400 22.10 -27.65 29.23
CA GLY A 400 22.27 -28.22 30.55
C GLY A 400 22.12 -27.22 31.69
N LYS A 401 22.57 -25.98 31.45
CA LYS A 401 22.38 -24.89 32.40
C LYS A 401 21.37 -23.90 31.85
N SER A 402 20.77 -23.12 32.75
CA SER A 402 19.74 -22.17 32.37
C SER A 402 20.33 -20.99 31.63
N LEU A 403 19.49 -20.34 30.82
CA LEU A 403 19.87 -19.06 30.22
C LEU A 403 20.21 -18.04 31.30
N TYR A 404 19.44 -18.04 32.40
CA TYR A 404 19.73 -17.21 33.56
C TYR A 404 21.18 -17.36 34.01
N TYR A 405 21.65 -18.61 34.11
CA TYR A 405 23.02 -18.87 34.58
C TYR A 405 24.05 -18.26 33.65
N TYR A 406 23.88 -18.43 32.34
CA TYR A 406 24.85 -17.90 31.40
C TYR A 406 24.88 -16.38 31.43
N ILE A 407 23.73 -15.75 31.63
CA ILE A 407 23.68 -14.29 31.73
C ILE A 407 24.46 -13.83 32.95
N GLN A 408 24.32 -14.54 34.07
CA GLN A 408 25.06 -14.21 35.29
C GLN A 408 26.57 -14.20 35.04
N GLN A 409 27.07 -15.19 34.31
CA GLN A 409 28.51 -15.31 34.13
C GLN A 409 29.07 -14.27 33.17
N ASP A 410 28.27 -13.82 32.20
CA ASP A 410 28.78 -12.95 31.15
C ASP A 410 28.58 -11.47 31.42
N THR A 411 27.62 -11.10 32.28
CA THR A 411 27.33 -9.70 32.55
C THR A 411 27.34 -9.46 34.05
N LYS A 412 27.50 -8.19 34.43
CA LYS A 412 27.57 -7.79 35.82
C LYS A 412 26.76 -6.52 36.04
N GLY A 413 26.68 -6.10 37.30
CA GLY A 413 26.06 -4.84 37.66
C GLY A 413 24.56 -4.77 37.39
N ASP A 414 24.06 -3.53 37.37
CA ASP A 414 22.65 -3.30 37.08
C ASP A 414 22.28 -3.76 35.68
N TYR A 415 23.27 -3.76 34.77
CA TYR A 415 23.07 -4.34 33.44
C TYR A 415 22.65 -5.81 33.54
N GLN A 416 23.41 -6.59 34.31
CA GLN A 416 23.04 -7.98 34.54
C GLN A 416 21.65 -8.10 35.18
N LYS A 417 21.35 -7.24 36.16
CA LYS A 417 20.07 -7.34 36.86
C LYS A 417 18.91 -7.09 35.91
N ALA A 418 19.07 -6.15 34.98
CA ALA A 418 18.03 -5.88 34.00
C ALA A 418 17.81 -7.07 33.09
N LEU A 419 18.90 -7.68 32.59
CA LEU A 419 18.78 -8.84 31.72
C LEU A 419 18.14 -10.01 32.45
N LEU A 420 18.49 -10.20 33.73
CA LEU A 420 17.90 -11.29 34.49
C LEU A 420 16.41 -11.09 34.71
N TYR A 421 15.98 -9.83 34.90
CA TYR A 421 14.55 -9.55 35.01
C TYR A 421 13.82 -9.87 33.70
N LEU A 422 14.43 -9.52 32.56
CA LEU A 422 13.82 -9.86 31.27
C LEU A 422 13.82 -11.36 31.03
N CYS A 423 14.82 -12.06 31.54
CA CYS A 423 14.83 -13.52 31.46
C CYS A 423 13.64 -14.11 32.21
N GLY A 424 13.44 -13.68 33.46
CA GLY A 424 12.27 -14.04 34.21
C GLY A 424 12.50 -15.04 35.32
N GLY A 425 13.59 -15.79 35.28
CA GLY A 425 13.88 -16.69 36.38
C GLY A 425 14.83 -17.79 35.96
N ASP A 426 15.30 -18.50 36.97
CA ASP A 426 16.22 -19.63 36.79
C ASP A 426 15.46 -20.85 36.24
N ASP A 427 16.22 -21.84 35.80
CA ASP A 427 15.65 -23.08 35.32
C ASP A 427 16.47 -24.28 35.80
N PHE B 8 8.82 14.05 -33.62
CA PHE B 8 9.95 14.61 -32.89
C PHE B 8 11.29 14.18 -33.50
N THR B 9 12.28 15.06 -33.38
CA THR B 9 13.65 14.75 -33.76
C THR B 9 14.59 15.64 -32.95
N ARG B 10 15.64 15.04 -32.40
CA ARG B 10 16.61 15.79 -31.61
C ARG B 10 17.43 16.75 -32.45
N ASN B 11 17.28 16.75 -33.77
CA ASN B 11 18.01 17.63 -34.66
C ASN B 11 17.07 18.62 -35.31
N PRO B 12 17.38 19.92 -35.30
CA PRO B 12 16.55 20.88 -36.03
C PRO B 12 16.58 20.68 -37.53
N SER B 13 17.55 19.93 -38.06
CA SER B 13 17.61 19.66 -39.49
C SER B 13 16.45 18.81 -39.97
N GLU B 14 15.83 18.03 -39.08
CA GLU B 14 14.66 17.24 -39.42
C GLU B 14 13.35 17.97 -39.15
N LEU B 15 13.39 19.07 -38.41
CA LEU B 15 12.19 19.86 -38.16
C LEU B 15 11.72 20.54 -39.45
N LYS B 16 10.40 20.68 -39.59
CA LYS B 16 9.81 21.24 -40.80
C LYS B 16 9.17 22.61 -40.59
N GLY B 17 8.73 22.92 -39.38
CA GLY B 17 8.07 24.18 -39.14
C GLY B 17 9.03 25.36 -39.13
N LYS B 18 8.45 26.55 -39.17
CA LYS B 18 9.24 27.78 -39.15
C LYS B 18 9.80 28.03 -37.76
N PHE B 19 11.04 28.49 -37.70
CA PHE B 19 11.73 28.73 -36.45
C PHE B 19 11.56 30.17 -35.99
N ILE B 20 11.46 30.36 -34.68
CA ILE B 20 11.30 31.68 -34.07
C ILE B 20 12.30 31.82 -32.94
N HIS B 21 12.95 32.97 -32.87
CA HIS B 21 13.90 33.29 -31.81
C HIS B 21 13.34 34.39 -30.91
N THR B 22 13.77 34.37 -29.65
CA THR B 22 13.29 35.33 -28.67
C THR B 22 14.40 35.66 -27.69
N LYS B 23 14.39 36.90 -27.19
CA LYS B 23 15.34 37.37 -26.17
C LYS B 23 14.51 38.01 -25.05
N LEU B 24 14.17 37.21 -24.04
CA LEU B 24 13.34 37.64 -22.93
C LEU B 24 14.19 37.79 -21.68
N ARG B 25 13.90 38.82 -20.89
CA ARG B 25 14.60 39.08 -19.63
C ARG B 25 13.78 38.57 -18.45
N LYS B 26 14.46 38.00 -17.47
CA LYS B 26 13.79 37.45 -16.30
C LYS B 26 13.10 38.56 -15.52
N SER B 27 11.85 38.31 -15.12
CA SER B 27 11.07 39.27 -14.36
C SER B 27 11.22 38.96 -12.86
N SER B 28 10.37 39.61 -12.04
CA SER B 28 10.42 39.40 -10.61
C SER B 28 9.73 38.11 -10.17
N ARG B 29 8.92 37.50 -11.05
CA ARG B 29 8.24 36.25 -10.71
C ARG B 29 7.85 35.57 -12.02
N GLY B 30 8.68 34.64 -12.46
CA GLY B 30 8.40 33.90 -13.68
C GLY B 30 8.94 34.59 -14.92
N PHE B 31 9.32 33.77 -15.90
CA PHE B 31 9.85 34.27 -17.16
C PHE B 31 8.76 34.55 -18.19
N GLY B 32 7.56 33.98 -18.03
CA GLY B 32 6.46 34.31 -18.90
C GLY B 32 5.75 33.13 -19.53
N PHE B 33 6.12 31.91 -19.16
CA PHE B 33 5.48 30.73 -19.72
C PHE B 33 5.52 29.57 -18.73
N THR B 34 4.55 28.67 -18.86
CA THR B 34 4.49 27.44 -18.08
C THR B 34 4.00 26.34 -19.02
N VAL B 35 4.88 25.40 -19.35
CA VAL B 35 4.55 24.31 -20.26
C VAL B 35 4.97 22.99 -19.64
N VAL B 36 4.50 21.91 -20.24
CA VAL B 36 4.81 20.56 -19.80
C VAL B 36 5.33 19.75 -20.98
N GLY B 37 6.15 18.75 -20.68
CA GLY B 37 6.63 17.83 -21.69
C GLY B 37 6.51 16.41 -21.21
N GLY B 38 6.49 15.49 -22.17
CA GLY B 38 6.33 14.08 -21.84
C GLY B 38 7.54 13.56 -21.10
N ASP B 39 7.30 12.96 -19.93
CA ASP B 39 8.38 12.32 -19.19
C ASP B 39 8.99 11.18 -20.00
N GLU B 40 10.27 10.90 -19.73
CA GLU B 40 11.08 10.05 -20.59
C GLU B 40 11.03 10.63 -22.00
N PRO B 41 11.90 11.60 -22.31
CA PRO B 41 11.73 12.39 -23.54
C PRO B 41 11.80 11.59 -24.83
N ASP B 42 11.74 12.33 -25.94
CA ASP B 42 11.37 11.96 -27.31
C ASP B 42 9.98 12.52 -27.55
N GLU B 43 9.43 13.19 -26.53
CA GLU B 43 8.20 13.96 -26.64
C GLU B 43 8.60 15.44 -26.66
N PHE B 44 8.36 16.09 -27.79
CA PHE B 44 8.85 17.45 -28.00
C PHE B 44 8.27 18.40 -26.98
N LEU B 45 9.15 19.09 -26.25
CA LEU B 45 8.72 20.09 -25.28
C LEU B 45 8.23 21.33 -26.00
N GLN B 46 6.97 21.71 -25.76
CA GLN B 46 6.33 22.78 -26.48
C GLN B 46 6.23 24.04 -25.63
N ILE B 47 5.49 25.03 -26.13
CA ILE B 47 5.08 26.19 -25.35
C ILE B 47 3.59 26.37 -25.57
N LYS B 48 2.81 26.23 -24.48
CA LYS B 48 1.36 26.21 -24.58
C LYS B 48 0.65 27.22 -23.70
N SER B 49 1.28 27.74 -22.64
CA SER B 49 0.66 28.70 -21.75
C SER B 49 1.59 29.88 -21.55
N LEU B 50 1.05 31.09 -21.69
CA LEU B 50 1.79 32.32 -21.51
C LEU B 50 1.17 33.13 -20.37
N VAL B 51 2.04 33.85 -19.65
CA VAL B 51 1.60 34.63 -18.49
C VAL B 51 0.89 35.89 -18.95
N LEU B 52 0.22 36.57 -18.03
CA LEU B 52 -0.48 37.82 -18.32
C LEU B 52 0.50 38.98 -18.20
N ASP B 53 0.80 39.61 -19.34
CA ASP B 53 1.73 40.74 -19.40
C ASP B 53 3.11 40.37 -18.89
N GLY B 54 3.54 39.13 -19.12
CA GLY B 54 4.85 38.69 -18.70
C GLY B 54 5.91 39.05 -19.71
N PRO B 55 7.16 38.66 -19.40
CA PRO B 55 8.25 38.94 -20.34
C PRO B 55 8.11 38.21 -21.66
N ALA B 56 7.84 36.90 -21.62
CA ALA B 56 7.64 36.15 -22.85
C ALA B 56 6.33 36.50 -23.55
N ALA B 57 5.35 37.01 -22.82
CA ALA B 57 4.11 37.45 -23.44
C ALA B 57 4.28 38.80 -24.14
N LEU B 58 4.98 39.73 -23.51
CA LEU B 58 5.27 41.03 -24.10
C LEU B 58 6.43 41.00 -25.08
N ASP B 59 7.11 39.86 -25.22
CA ASP B 59 8.19 39.75 -26.20
C ASP B 59 7.66 39.65 -27.62
N GLY B 60 6.41 39.23 -27.81
CA GLY B 60 5.84 39.16 -29.13
C GLY B 60 6.42 38.10 -30.03
N LYS B 61 7.08 37.09 -29.46
CA LYS B 61 7.69 36.02 -30.26
C LYS B 61 7.36 34.62 -29.77
N MET B 62 6.75 34.47 -28.60
CA MET B 62 6.40 33.15 -28.07
C MET B 62 4.92 32.93 -28.35
N GLU B 63 4.62 32.08 -29.33
CA GLU B 63 3.25 31.76 -29.69
C GLU B 63 2.68 30.68 -28.79
N THR B 64 1.74 29.89 -29.32
CA THR B 64 1.12 28.80 -28.57
C THR B 64 1.26 27.53 -29.37
N GLY B 65 1.90 26.52 -28.79
CA GLY B 65 2.08 25.21 -29.41
C GLY B 65 3.49 24.93 -29.87
N ASP B 66 4.24 25.98 -30.23
CA ASP B 66 5.60 25.83 -30.77
C ASP B 66 6.48 24.99 -29.88
N VAL B 67 7.54 24.40 -30.44
CA VAL B 67 8.45 23.53 -29.72
C VAL B 67 9.77 24.25 -29.52
N ILE B 68 10.26 24.27 -28.28
CA ILE B 68 11.54 24.89 -27.97
C ILE B 68 12.66 23.99 -28.47
N VAL B 69 13.63 24.59 -29.17
CA VAL B 69 14.75 23.86 -29.74
C VAL B 69 16.07 24.19 -29.02
N SER B 70 16.34 25.48 -28.83
CA SER B 70 17.59 25.92 -28.22
C SER B 70 17.32 26.89 -27.09
N VAL B 71 18.18 26.83 -26.07
CA VAL B 71 18.14 27.73 -24.93
C VAL B 71 19.57 28.20 -24.68
N ASN B 72 19.81 29.51 -24.85
CA ASN B 72 21.15 30.09 -24.72
C ASN B 72 22.13 29.41 -25.67
N ASP B 73 21.70 29.23 -26.92
CA ASP B 73 22.49 28.58 -27.97
C ASP B 73 22.88 27.16 -27.59
N THR B 74 22.00 26.46 -26.86
CA THR B 74 22.22 25.08 -26.47
C THR B 74 20.96 24.28 -26.78
N CYS B 75 21.11 23.23 -27.58
CA CYS B 75 19.95 22.45 -28.01
C CYS B 75 19.42 21.62 -26.84
N VAL B 76 18.12 21.75 -26.57
CA VAL B 76 17.48 21.04 -25.47
C VAL B 76 16.46 20.06 -26.02
N LEU B 77 16.68 19.57 -27.25
CA LEU B 77 15.79 18.59 -27.87
C LEU B 77 16.09 17.22 -27.28
N GLY B 78 15.16 16.69 -26.50
CA GLY B 78 15.31 15.39 -25.88
C GLY B 78 15.76 15.41 -24.44
N HIS B 79 16.02 16.58 -23.87
CA HIS B 79 16.41 16.67 -22.47
C HIS B 79 15.20 16.41 -21.56
N THR B 80 15.49 16.00 -20.34
CA THR B 80 14.43 15.75 -19.37
C THR B 80 13.69 17.05 -19.06
N HIS B 81 12.41 16.91 -18.69
CA HIS B 81 11.58 18.07 -18.43
C HIS B 81 12.04 18.87 -17.22
N ALA B 82 12.79 18.25 -16.31
CA ALA B 82 13.27 18.94 -15.12
C ALA B 82 14.71 19.41 -15.25
N GLN B 83 15.50 18.83 -16.16
CA GLN B 83 16.89 19.24 -16.31
C GLN B 83 17.01 20.54 -17.09
N VAL B 84 16.33 20.62 -18.24
CA VAL B 84 16.37 21.85 -19.03
C VAL B 84 15.61 22.99 -18.35
N VAL B 85 14.63 22.66 -17.51
CA VAL B 85 13.91 23.68 -16.74
C VAL B 85 14.80 24.31 -15.68
N LYS B 86 15.83 23.60 -15.23
CA LYS B 86 16.78 24.16 -14.26
C LYS B 86 17.66 25.24 -14.88
N ILE B 87 17.58 25.45 -16.19
CA ILE B 87 18.35 26.52 -16.82
C ILE B 87 17.70 27.87 -16.57
N PHE B 88 16.38 27.95 -16.71
CA PHE B 88 15.68 29.22 -16.52
C PHE B 88 15.69 29.65 -15.05
N GLN B 89 15.60 28.69 -14.13
CA GLN B 89 15.64 29.02 -12.70
C GLN B 89 17.03 29.50 -12.29
N SER B 90 18.08 28.87 -12.82
CA SER B 90 19.44 29.28 -12.52
C SER B 90 19.79 30.63 -13.13
N ILE B 91 19.02 31.09 -14.12
CA ILE B 91 19.21 32.41 -14.70
C ILE B 91 18.92 33.46 -13.63
N PRO B 92 19.85 34.37 -13.36
CA PRO B 92 19.61 35.37 -12.32
C PRO B 92 18.52 36.34 -12.70
N ILE B 93 17.99 37.02 -11.70
CA ILE B 93 16.92 37.99 -11.91
C ILE B 93 17.47 39.18 -12.69
N GLY B 94 16.83 39.50 -13.81
CA GLY B 94 17.27 40.59 -14.64
C GLY B 94 18.30 40.23 -15.67
N ALA B 95 18.35 38.98 -16.11
CA ALA B 95 19.31 38.52 -17.11
C ALA B 95 18.57 38.03 -18.35
N SER B 96 19.17 38.27 -19.50
CA SER B 96 18.56 37.86 -20.77
C SER B 96 18.80 36.37 -21.03
N VAL B 97 18.03 35.83 -21.97
CA VAL B 97 18.14 34.43 -22.34
C VAL B 97 17.56 34.26 -23.74
N ASP B 98 18.19 33.40 -24.53
CA ASP B 98 17.74 33.10 -25.89
C ASP B 98 16.90 31.84 -25.89
N LEU B 99 15.82 31.85 -26.67
CA LEU B 99 14.90 30.72 -26.76
C LEU B 99 14.47 30.54 -28.20
N GLU B 100 14.99 29.50 -28.84
CA GLU B 100 14.58 29.18 -30.21
C GLU B 100 13.32 28.34 -30.19
N LEU B 101 12.39 28.66 -31.08
CA LEU B 101 11.11 27.97 -31.19
C LEU B 101 10.96 27.36 -32.57
N CYS B 102 9.90 26.59 -32.75
CA CYS B 102 9.62 25.93 -34.03
C CYS B 102 8.15 25.99 -34.36
N ARG B 103 7.84 25.95 -35.66
CA ARG B 103 6.46 26.00 -36.12
C ARG B 103 6.05 24.68 -36.75
N GLY B 104 4.74 24.51 -36.97
CA GLY B 104 4.21 23.29 -37.56
C GLY B 104 4.22 22.13 -36.60
N TYR B 105 4.49 22.41 -35.33
CA TYR B 105 4.53 21.37 -34.31
C TYR B 105 3.67 21.76 -33.10
N PRO B 106 2.28 21.70 -33.31
CA PRO B 106 1.50 22.07 -32.13
C PRO B 106 0.96 20.84 -31.39
N LEU B 107 1.52 20.56 -30.22
CA LEU B 107 1.09 19.43 -29.43
C LEU B 107 0.42 19.87 -28.13
N GLY B 108 0.16 18.93 -27.24
CA GLY B 108 -0.48 19.22 -25.96
C GLY B 108 -0.81 17.96 -25.19
N SER B 109 -1.31 18.16 -23.97
CA SER B 109 -1.67 17.04 -23.10
C SER B 109 -2.36 15.94 -23.91
N SER B 110 -2.24 14.69 -23.43
CA SER B 110 -2.82 13.55 -24.12
C SER B 110 -2.53 13.62 -25.61
N ALA B 111 -1.31 14.03 -25.95
CA ALA B 111 -0.92 14.17 -27.35
C ALA B 111 -1.72 13.26 -28.25
N TYR B 112 -1.91 12.01 -27.83
CA TYR B 112 -2.65 11.04 -28.60
C TYR B 112 -4.16 11.09 -28.37
N GLY B 113 -4.64 12.12 -27.65
CA GLY B 113 -6.07 12.32 -27.57
C GLY B 113 -6.62 13.00 -28.81
N SER B 114 -7.94 12.90 -28.99
CA SER B 114 -8.60 13.53 -30.12
C SER B 114 -9.23 14.87 -29.79
N VAL B 115 -9.71 15.05 -28.56
CA VAL B 115 -10.28 16.32 -28.12
C VAL B 115 -9.15 17.21 -27.63
N LYS B 116 -8.85 18.27 -28.37
CA LYS B 116 -7.78 19.19 -28.04
C LYS B 116 -8.35 20.47 -27.43
N ALA B 117 -7.47 21.25 -26.81
CA ALA B 117 -7.88 22.48 -26.15
C ALA B 117 -8.33 23.52 -27.17
N TYR B 118 -9.43 24.19 -26.86
CA TYR B 118 -9.94 25.27 -27.70
C TYR B 118 -9.04 26.49 -27.53
N THR B 119 -8.49 26.98 -28.65
CA THR B 119 -7.51 28.05 -28.61
C THR B 119 -8.13 29.36 -28.11
N ASN B 120 -9.02 29.95 -28.90
CA ASN B 120 -9.66 31.21 -28.53
C ASN B 120 -10.81 30.97 -27.55
N PHE B 121 -10.44 30.44 -26.39
CA PHE B 121 -11.41 29.98 -25.39
C PHE B 121 -11.86 31.13 -24.51
N ASP B 122 -13.18 31.33 -24.43
CA ASP B 122 -13.79 32.28 -23.52
C ASP B 122 -14.85 31.55 -22.71
N ALA B 123 -14.54 31.28 -21.44
CA ALA B 123 -15.44 30.47 -20.62
C ALA B 123 -16.75 31.20 -20.34
N GLU B 124 -16.69 32.50 -20.09
CA GLU B 124 -17.91 33.27 -19.86
C GLU B 124 -18.78 33.29 -21.11
N ARG B 125 -18.16 33.34 -22.30
CA ARG B 125 -18.92 33.34 -23.53
C ARG B 125 -19.58 32.00 -23.79
N ASP B 126 -18.91 30.91 -23.42
CA ASP B 126 -19.50 29.58 -23.56
C ASP B 126 -20.63 29.36 -22.56
N ALA B 127 -20.41 29.76 -21.30
CA ALA B 127 -21.46 29.58 -20.30
C ALA B 127 -22.71 30.38 -20.63
N LEU B 128 -22.54 31.55 -21.26
CA LEU B 128 -23.69 32.34 -21.67
C LEU B 128 -24.47 31.64 -22.78
N ASN B 129 -23.76 31.08 -23.77
CA ASN B 129 -24.44 30.41 -24.87
C ASN B 129 -25.11 29.12 -24.40
N ILE B 130 -24.57 28.47 -23.38
CA ILE B 130 -25.20 27.26 -22.86
C ILE B 130 -26.48 27.61 -22.10
N GLU B 131 -26.42 28.64 -21.26
CA GLU B 131 -27.63 29.08 -20.56
C GLU B 131 -28.72 29.49 -21.54
N THR B 132 -28.34 30.22 -22.58
CA THR B 132 -29.32 30.61 -23.61
C THR B 132 -29.87 29.39 -24.33
N ALA B 133 -29.03 28.40 -24.59
CA ALA B 133 -29.49 27.18 -25.27
C ALA B 133 -30.39 26.36 -24.35
N ILE B 134 -30.07 26.30 -23.06
CA ILE B 134 -30.91 25.58 -22.11
C ILE B 134 -32.29 26.21 -22.03
N LYS B 135 -32.35 27.53 -21.97
CA LYS B 135 -33.60 28.25 -21.76
C LYS B 135 -34.29 28.65 -23.05
N THR B 136 -33.88 28.09 -24.18
CA THR B 136 -34.61 28.26 -25.42
C THR B 136 -35.75 27.26 -25.49
N LYS B 137 -36.92 27.71 -25.97
CA LYS B 137 -38.08 26.84 -26.06
C LYS B 137 -37.78 25.63 -26.93
N GLY B 138 -37.95 24.44 -26.36
CA GLY B 138 -37.55 23.22 -27.04
C GLY B 138 -36.04 23.13 -27.11
N VAL B 139 -35.43 22.87 -25.95
CA VAL B 139 -33.98 22.95 -25.68
C VAL B 139 -33.11 22.79 -26.91
N ASP B 140 -32.23 23.77 -27.14
CA ASP B 140 -31.28 23.76 -28.26
C ASP B 140 -30.11 22.85 -27.88
N GLU B 141 -30.34 21.54 -28.03
CA GLU B 141 -29.31 20.56 -27.70
C GLU B 141 -28.11 20.65 -28.61
N VAL B 142 -28.27 21.24 -29.81
CA VAL B 142 -27.21 21.20 -30.81
C VAL B 142 -26.03 22.08 -30.40
N THR B 143 -26.31 23.33 -30.02
CA THR B 143 -25.23 24.21 -29.60
C THR B 143 -24.59 23.75 -28.30
N ILE B 144 -25.36 23.10 -27.42
CA ILE B 144 -24.79 22.52 -26.21
C ILE B 144 -23.76 21.46 -26.58
N VAL B 145 -24.06 20.62 -27.56
CA VAL B 145 -23.14 19.57 -27.97
C VAL B 145 -21.93 20.16 -28.68
N ASN B 146 -22.16 21.15 -29.56
CA ASN B 146 -21.07 21.71 -30.34
C ASN B 146 -20.02 22.40 -29.47
N ILE B 147 -20.39 22.79 -28.25
CA ILE B 147 -19.46 23.43 -27.33
C ILE B 147 -18.76 22.40 -26.44
N LEU B 148 -19.53 21.59 -25.72
CA LEU B 148 -18.94 20.74 -24.68
C LEU B 148 -18.04 19.66 -25.27
N THR B 149 -18.42 19.09 -26.41
CA THR B 149 -17.60 18.06 -27.03
C THR B 149 -16.37 18.61 -27.73
N ASN B 150 -16.27 19.93 -27.88
CA ASN B 150 -15.14 20.58 -28.52
C ASN B 150 -14.32 21.43 -27.55
N ARG B 151 -14.35 21.08 -26.27
CA ARG B 151 -13.52 21.70 -25.26
C ARG B 151 -12.79 20.61 -24.49
N SER B 152 -11.62 20.95 -23.96
CA SER B 152 -10.90 20.03 -23.10
C SER B 152 -11.59 19.95 -21.74
N ASN B 153 -11.24 18.91 -20.99
CA ASN B 153 -11.87 18.72 -19.68
C ASN B 153 -11.57 19.88 -18.73
N GLU B 154 -10.38 20.47 -18.83
CA GLU B 154 -10.08 21.65 -18.05
C GLU B 154 -10.98 22.82 -18.43
N GLN B 155 -11.23 22.99 -19.73
CA GLN B 155 -12.08 24.08 -20.18
C GLN B 155 -13.52 23.88 -19.75
N ARG B 156 -13.99 22.64 -19.66
CA ARG B 156 -15.35 22.39 -19.19
C ARG B 156 -15.49 22.74 -17.72
N GLN B 157 -14.46 22.45 -16.92
CA GLN B 157 -14.49 22.85 -15.51
C GLN B 157 -14.57 24.36 -15.38
N ASP B 158 -13.89 25.10 -16.26
CA ASP B 158 -13.98 26.55 -16.23
C ASP B 158 -15.35 27.02 -16.70
N ILE B 159 -15.95 26.32 -17.66
CA ILE B 159 -17.28 26.68 -18.13
C ILE B 159 -18.31 26.48 -17.03
N ALA B 160 -18.29 25.31 -16.38
CA ALA B 160 -19.21 25.04 -15.29
C ALA B 160 -19.02 26.03 -14.15
N PHE B 161 -17.79 26.48 -13.92
CA PHE B 161 -17.54 27.50 -12.91
C PHE B 161 -18.13 28.84 -13.34
N ALA B 162 -17.96 29.21 -14.62
CA ALA B 162 -18.55 30.45 -15.11
C ALA B 162 -20.07 30.35 -15.17
N TYR B 163 -20.61 29.17 -15.43
CA TYR B 163 -22.06 29.02 -15.46
C TYR B 163 -22.66 29.20 -14.07
N GLN B 164 -22.00 28.67 -13.04
CA GLN B 164 -22.48 28.86 -11.68
C GLN B 164 -22.35 30.32 -11.25
N ARG B 165 -21.25 30.97 -11.65
CA ARG B 165 -21.05 32.37 -11.28
C ARG B 165 -22.14 33.27 -11.85
N ARG B 166 -22.65 32.92 -13.03
CA ARG B 166 -23.69 33.69 -13.73
C ARG B 166 -25.10 33.39 -13.23
N THR B 167 -25.48 32.11 -13.18
CA THR B 167 -26.85 31.73 -12.87
C THR B 167 -27.05 31.33 -11.42
N LYS B 168 -25.97 31.15 -10.66
CA LYS B 168 -26.02 30.61 -9.29
C LYS B 168 -26.62 29.21 -9.24
N LYS B 169 -26.58 28.50 -10.37
CA LYS B 169 -27.05 27.13 -10.46
C LYS B 169 -25.94 26.27 -11.05
N GLU B 170 -25.84 25.03 -10.56
CA GLU B 170 -24.82 24.12 -11.08
C GLU B 170 -25.16 23.72 -12.51
N LEU B 171 -24.16 23.79 -13.39
CA LEU B 171 -24.39 23.44 -14.79
C LEU B 171 -24.85 22.00 -14.94
N ALA B 172 -24.28 21.08 -14.15
CA ALA B 172 -24.68 19.69 -14.23
C ALA B 172 -26.14 19.50 -13.88
N SER B 173 -26.62 20.22 -12.85
CA SER B 173 -28.03 20.13 -12.50
C SER B 173 -28.93 20.76 -13.55
N ALA B 174 -28.44 21.79 -14.25
CA ALA B 174 -29.24 22.43 -15.28
C ALA B 174 -29.38 21.54 -16.51
N LEU B 175 -28.30 20.88 -16.91
CA LEU B 175 -28.35 20.02 -18.09
C LEU B 175 -29.11 18.73 -17.81
N LYS B 176 -29.07 18.25 -16.57
CA LYS B 176 -29.81 17.05 -16.21
C LYS B 176 -31.31 17.27 -16.37
N SER B 177 -31.78 18.49 -16.16
CA SER B 177 -33.18 18.86 -16.33
C SER B 177 -33.48 19.40 -17.72
N ALA B 178 -32.55 19.28 -18.66
CA ALA B 178 -32.76 19.74 -20.03
C ALA B 178 -32.47 18.70 -21.09
N LEU B 179 -31.70 17.66 -20.79
CA LEU B 179 -31.39 16.59 -21.72
C LEU B 179 -32.04 15.30 -21.25
N SER B 180 -31.96 14.29 -22.09
CA SER B 180 -32.55 12.99 -21.78
C SER B 180 -31.87 11.92 -22.62
N GLY B 181 -32.16 10.67 -22.28
CA GLY B 181 -31.66 9.53 -23.03
C GLY B 181 -30.15 9.40 -22.95
N HIS B 182 -29.57 8.92 -24.05
CA HIS B 182 -28.13 8.68 -24.08
C HIS B 182 -27.33 9.98 -24.15
N LEU B 183 -27.89 11.01 -24.78
CA LEU B 183 -27.19 12.29 -24.87
C LEU B 183 -26.90 12.86 -23.49
N GLU B 184 -27.85 12.72 -22.56
CA GLU B 184 -27.60 13.17 -21.20
C GLU B 184 -26.46 12.39 -20.55
N THR B 185 -26.42 11.08 -20.78
CA THR B 185 -25.35 10.27 -20.22
C THR B 185 -23.98 10.71 -20.74
N VAL B 186 -23.90 11.05 -22.02
CA VAL B 186 -22.65 11.51 -22.60
C VAL B 186 -22.25 12.85 -22.01
N ILE B 187 -23.17 13.82 -22.03
CA ILE B 187 -22.84 15.18 -21.60
C ILE B 187 -22.45 15.20 -20.12
N LEU B 188 -23.26 14.55 -19.28
CA LEU B 188 -22.96 14.52 -17.85
C LEU B 188 -21.64 13.83 -17.57
N GLY B 189 -21.25 12.86 -18.40
CA GLY B 189 -19.94 12.26 -18.24
C GLY B 189 -18.81 13.19 -18.64
N LEU B 190 -19.04 14.02 -19.67
CA LEU B 190 -18.01 14.93 -20.12
C LEU B 190 -17.71 16.03 -19.10
N LEU B 191 -18.71 16.37 -18.27
CA LEU B 191 -18.54 17.45 -17.30
C LEU B 191 -17.71 17.05 -16.10
N LYS B 192 -17.63 15.76 -15.78
CA LYS B 192 -16.81 15.30 -14.68
C LYS B 192 -15.35 15.26 -15.08
N THR B 193 -14.47 15.55 -14.11
CA THR B 193 -13.06 15.34 -14.30
C THR B 193 -12.79 13.85 -14.50
N PRO B 194 -11.67 13.49 -15.14
CA PRO B 194 -11.38 12.06 -15.34
C PRO B 194 -11.47 11.22 -14.08
N ALA B 195 -10.96 11.74 -12.96
CA ALA B 195 -11.04 10.99 -11.71
C ALA B 195 -12.46 10.93 -11.17
N GLN B 196 -13.20 12.04 -11.30
CA GLN B 196 -14.59 12.06 -10.85
C GLN B 196 -15.45 11.11 -11.68
N TYR B 197 -15.22 11.06 -12.99
CA TYR B 197 -16.01 10.19 -13.85
C TYR B 197 -15.72 8.72 -13.55
N ASP B 198 -14.45 8.36 -13.44
CA ASP B 198 -14.10 6.97 -13.13
C ASP B 198 -14.62 6.57 -11.75
N ALA B 199 -14.54 7.48 -10.78
CA ALA B 199 -15.05 7.17 -9.44
C ALA B 199 -16.56 6.96 -9.46
N SER B 200 -17.28 7.78 -10.23
CA SER B 200 -18.72 7.61 -10.32
C SER B 200 -19.09 6.32 -11.05
N GLU B 201 -18.35 5.99 -12.10
CA GLU B 201 -18.62 4.75 -12.83
C GLU B 201 -18.30 3.52 -11.98
N LEU B 202 -17.34 3.64 -11.06
CA LEU B 202 -16.98 2.51 -10.21
C LEU B 202 -18.07 2.22 -9.19
N LYS B 203 -18.51 3.25 -8.46
CA LYS B 203 -19.56 3.04 -7.47
C LYS B 203 -20.88 2.69 -8.12
N ALA B 204 -21.14 3.20 -9.33
CA ALA B 204 -22.35 2.82 -10.05
C ALA B 204 -22.34 1.33 -10.39
N SER B 205 -21.16 0.79 -10.71
CA SER B 205 -21.05 -0.63 -11.02
C SER B 205 -21.13 -1.51 -9.77
N MET B 206 -20.74 -0.97 -8.62
CA MET B 206 -20.83 -1.70 -7.36
C MET B 206 -22.20 -1.57 -6.71
N LYS B 207 -23.10 -0.76 -7.25
CA LYS B 207 -24.46 -0.64 -6.74
C LYS B 207 -25.18 -1.95 -7.03
N GLY B 208 -24.89 -2.95 -6.19
CA GLY B 208 -25.37 -4.30 -6.41
C GLY B 208 -24.23 -5.29 -6.51
N LEU B 209 -24.22 -6.30 -5.64
CA LEU B 209 -23.13 -7.26 -5.62
C LEU B 209 -23.06 -8.03 -6.94
N GLY B 210 -21.88 -8.03 -7.54
CA GLY B 210 -21.72 -8.70 -8.82
C GLY B 210 -22.47 -7.95 -9.90
N THR B 211 -23.25 -8.70 -10.69
CA THR B 211 -24.12 -8.16 -11.74
C THR B 211 -23.38 -7.24 -12.70
N ASP B 212 -22.71 -7.85 -13.70
CA ASP B 212 -22.03 -7.12 -14.76
C ASP B 212 -20.97 -6.16 -14.21
N GLU B 213 -19.87 -6.77 -13.75
CA GLU B 213 -18.72 -6.03 -13.27
C GLU B 213 -17.75 -5.65 -14.39
N ASP B 214 -18.26 -5.51 -15.61
CA ASP B 214 -17.40 -5.13 -16.73
C ASP B 214 -16.79 -3.75 -16.50
N SER B 215 -17.60 -2.79 -16.03
CA SER B 215 -17.09 -1.45 -15.76
C SER B 215 -15.97 -1.49 -14.71
N LEU B 216 -16.15 -2.32 -13.69
CA LEU B 216 -15.10 -2.48 -12.68
C LEU B 216 -13.82 -3.04 -13.29
N ILE B 217 -13.96 -4.09 -14.11
CA ILE B 217 -12.78 -4.71 -14.72
C ILE B 217 -12.13 -3.75 -15.70
N GLU B 218 -12.94 -3.09 -16.54
CA GLU B 218 -12.40 -2.20 -17.56
C GLU B 218 -11.62 -1.05 -16.94
N ILE B 219 -12.12 -0.49 -15.84
CA ILE B 219 -11.47 0.67 -15.24
C ILE B 219 -10.24 0.26 -14.44
N ILE B 220 -10.34 -0.83 -13.67
CA ILE B 220 -9.25 -1.23 -12.80
C ILE B 220 -8.07 -1.79 -13.60
N CYS B 221 -8.34 -2.44 -14.74
CA CYS B 221 -7.28 -3.07 -15.51
C CYS B 221 -6.60 -2.12 -16.49
N SER B 222 -7.22 -0.98 -16.80
CA SER B 222 -6.69 -0.07 -17.82
C SER B 222 -6.08 1.20 -17.26
N ARG B 223 -6.27 1.49 -15.97
CA ARG B 223 -5.82 2.75 -15.39
C ARG B 223 -4.39 2.60 -14.86
N THR B 224 -3.60 3.68 -15.03
CA THR B 224 -2.21 3.69 -14.61
C THR B 224 -2.10 4.09 -13.15
N ASN B 225 -0.85 4.16 -12.66
CA ASN B 225 -0.62 4.55 -11.26
C ASN B 225 -1.13 5.96 -11.00
N GLN B 226 -0.75 6.91 -11.86
CA GLN B 226 -1.18 8.29 -11.67
C GLN B 226 -2.70 8.41 -11.69
N GLU B 227 -3.36 7.65 -12.56
CA GLU B 227 -4.81 7.70 -12.63
C GLU B 227 -5.45 7.10 -11.40
N LEU B 228 -4.97 5.92 -10.97
CA LEU B 228 -5.57 5.25 -9.82
C LEU B 228 -5.29 6.00 -8.52
N GLN B 229 -4.11 6.61 -8.40
CA GLN B 229 -3.81 7.39 -7.21
C GLN B 229 -4.76 8.58 -7.09
N GLU B 230 -5.03 9.25 -8.21
CA GLU B 230 -5.99 10.35 -8.20
C GLU B 230 -7.42 9.84 -8.04
N ILE B 231 -7.72 8.65 -8.56
CA ILE B 231 -9.05 8.09 -8.39
C ILE B 231 -9.31 7.78 -6.92
N ASN B 232 -8.31 7.26 -6.21
CA ASN B 232 -8.49 6.94 -4.80
C ASN B 232 -8.76 8.20 -3.97
N ARG B 233 -8.03 9.28 -4.23
CA ARG B 233 -8.22 10.51 -3.48
C ARG B 233 -9.59 11.13 -3.79
N VAL B 234 -10.01 11.07 -5.05
CA VAL B 234 -11.30 11.67 -5.43
C VAL B 234 -12.45 10.79 -4.98
N TYR B 235 -12.28 9.46 -5.03
CA TYR B 235 -13.32 8.57 -4.53
C TYR B 235 -13.59 8.79 -3.06
N LYS B 236 -12.57 9.18 -2.29
CA LYS B 236 -12.77 9.44 -0.87
C LYS B 236 -13.57 10.73 -0.65
N GLU B 237 -13.36 11.74 -1.51
CA GLU B 237 -14.06 13.00 -1.35
C GLU B 237 -15.54 12.85 -1.67
N MET B 238 -15.86 12.21 -2.79
CA MET B 238 -17.22 12.19 -3.27
C MET B 238 -18.11 11.27 -2.43
N TYR B 239 -17.58 10.12 -2.01
CA TYR B 239 -18.39 9.10 -1.38
C TYR B 239 -17.98 8.77 0.05
N LYS B 240 -17.10 9.59 0.65
CA LYS B 240 -16.80 9.56 2.08
C LYS B 240 -16.28 8.20 2.56
N THR B 241 -15.79 7.36 1.66
CA THR B 241 -15.20 6.08 2.02
C THR B 241 -13.96 5.85 1.18
N ASP B 242 -13.25 4.77 1.50
CA ASP B 242 -12.06 4.39 0.75
C ASP B 242 -12.45 3.39 -0.35
N LEU B 243 -11.83 3.55 -1.52
CA LEU B 243 -12.18 2.72 -2.67
C LEU B 243 -11.88 1.25 -2.40
N GLU B 244 -10.77 0.97 -1.71
CA GLU B 244 -10.40 -0.43 -1.47
C GLU B 244 -11.45 -1.13 -0.62
N LYS B 245 -11.95 -0.45 0.42
CA LYS B 245 -12.94 -1.07 1.30
C LYS B 245 -14.25 -1.34 0.57
N ASP B 246 -14.66 -0.44 -0.33
CA ASP B 246 -15.87 -0.69 -1.10
C ASP B 246 -15.69 -1.85 -2.06
N ILE B 247 -14.49 -2.02 -2.62
CA ILE B 247 -14.22 -3.15 -3.49
C ILE B 247 -14.20 -4.44 -2.68
N ILE B 248 -13.54 -4.42 -1.52
CA ILE B 248 -13.45 -5.61 -0.67
C ILE B 248 -14.83 -6.06 -0.24
N SER B 249 -15.72 -5.11 0.08
CA SER B 249 -17.05 -5.47 0.53
C SER B 249 -17.94 -5.92 -0.63
N ASP B 250 -17.63 -5.50 -1.85
CA ASP B 250 -18.45 -5.83 -3.01
C ASP B 250 -17.90 -6.98 -3.84
N THR B 251 -16.74 -7.51 -3.48
CA THR B 251 -16.14 -8.64 -4.18
C THR B 251 -15.68 -9.68 -3.15
N SER B 252 -15.14 -10.79 -3.65
CA SER B 252 -14.67 -11.87 -2.79
C SER B 252 -13.69 -12.72 -3.60
N GLY B 253 -13.18 -13.77 -2.95
CA GLY B 253 -12.27 -14.71 -3.56
C GLY B 253 -10.99 -14.05 -4.06
N ASP B 254 -10.31 -14.77 -4.95
CA ASP B 254 -9.10 -14.22 -5.56
C ASP B 254 -9.43 -13.01 -6.43
N PHE B 255 -10.66 -12.92 -6.93
CA PHE B 255 -11.04 -11.75 -7.72
C PHE B 255 -10.97 -10.48 -6.90
N ARG B 256 -11.28 -10.56 -5.60
CA ARG B 256 -11.11 -9.40 -4.73
C ARG B 256 -9.64 -9.06 -4.56
N LYS B 257 -8.79 -10.07 -4.36
CA LYS B 257 -7.36 -9.83 -4.20
C LYS B 257 -6.75 -9.19 -5.44
N LEU B 258 -7.15 -9.66 -6.62
CA LEU B 258 -6.62 -9.09 -7.86
C LEU B 258 -7.06 -7.64 -8.04
N MET B 259 -8.34 -7.36 -7.77
CA MET B 259 -8.84 -6.00 -7.92
C MET B 259 -8.25 -5.07 -6.86
N VAL B 260 -7.95 -5.59 -5.67
CA VAL B 260 -7.37 -4.76 -4.62
C VAL B 260 -5.92 -4.42 -4.93
N ALA B 261 -5.14 -5.41 -5.37
CA ALA B 261 -3.75 -5.15 -5.72
C ALA B 261 -3.65 -4.19 -6.89
N LEU B 262 -4.53 -4.32 -7.88
CA LEU B 262 -4.50 -3.41 -9.01
C LEU B 262 -4.96 -2.01 -8.62
N ALA B 263 -5.96 -1.92 -7.74
CA ALA B 263 -6.52 -0.63 -7.36
C ALA B 263 -5.55 0.21 -6.53
N LYS B 264 -4.56 -0.42 -5.89
CA LYS B 264 -3.60 0.35 -5.11
C LYS B 264 -2.73 1.26 -5.96
N GLY B 265 -2.57 0.94 -7.25
CA GLY B 265 -1.82 1.80 -8.14
C GLY B 265 -0.37 2.01 -7.74
N ARG B 266 0.28 0.95 -7.28
CA ARG B 266 1.67 0.99 -6.86
C ARG B 266 2.52 0.02 -7.67
N ARG B 267 2.22 -0.10 -8.95
CA ARG B 267 3.04 -0.89 -9.86
C ARG B 267 4.41 -0.24 -10.01
N ALA B 268 5.44 -1.08 -10.15
CA ALA B 268 6.79 -0.58 -10.34
C ALA B 268 6.88 0.27 -11.60
N GLU B 269 7.62 1.37 -11.51
CA GLU B 269 7.78 2.26 -12.65
C GLU B 269 8.74 1.66 -13.67
N ASP B 270 8.74 2.24 -14.87
CA ASP B 270 9.56 1.74 -15.97
C ASP B 270 11.03 1.94 -15.63
N GLY B 271 11.72 0.84 -15.31
CA GLY B 271 13.13 0.93 -14.98
C GLY B 271 13.97 1.37 -16.17
N SER B 272 15.16 1.87 -15.86
CA SER B 272 16.06 2.33 -16.92
C SER B 272 16.59 1.15 -17.74
N VAL B 273 17.10 0.13 -17.07
CA VAL B 273 17.69 -1.03 -17.73
C VAL B 273 16.66 -2.15 -17.78
N ILE B 274 16.72 -2.95 -18.84
CA ILE B 274 15.87 -4.12 -18.99
C ILE B 274 16.49 -5.28 -18.24
N ASP B 275 15.70 -5.94 -17.39
CA ASP B 275 16.20 -7.04 -16.56
C ASP B 275 15.85 -8.35 -17.27
N TYR B 276 16.71 -8.74 -18.22
CA TYR B 276 16.46 -9.95 -19.01
C TYR B 276 16.43 -11.19 -18.12
N GLU B 277 17.25 -11.22 -17.06
CA GLU B 277 17.24 -12.37 -16.17
C GLU B 277 15.92 -12.48 -15.43
N LEU B 278 15.34 -11.35 -15.04
CA LEU B 278 14.04 -11.35 -14.39
C LEU B 278 12.92 -11.66 -15.38
N ILE B 279 13.09 -11.28 -16.64
CA ILE B 279 12.09 -11.57 -17.67
C ILE B 279 11.93 -13.08 -17.83
N ASP B 280 13.04 -13.79 -18.01
CA ASP B 280 12.97 -15.24 -18.12
C ASP B 280 12.49 -15.87 -16.81
N GLN B 281 12.95 -15.34 -15.68
CA GLN B 281 12.52 -15.87 -14.38
C GLN B 281 11.01 -15.73 -14.21
N ASP B 282 10.46 -14.56 -14.57
CA ASP B 282 9.02 -14.37 -14.46
C ASP B 282 8.26 -15.26 -15.43
N ALA B 283 8.80 -15.42 -16.65
CA ALA B 283 8.16 -16.31 -17.61
C ALA B 283 8.17 -17.75 -17.11
N ARG B 284 9.25 -18.18 -16.48
CA ARG B 284 9.28 -19.50 -15.85
C ARG B 284 8.22 -19.59 -14.75
N ASP B 285 8.17 -18.59 -13.88
CA ASP B 285 7.24 -18.62 -12.75
C ASP B 285 5.79 -18.69 -13.23
N LEU B 286 5.46 -17.93 -14.27
CA LEU B 286 4.10 -17.98 -14.82
C LEU B 286 3.77 -19.36 -15.37
N TYR B 287 4.77 -20.08 -15.87
CA TYR B 287 4.54 -21.42 -16.39
C TYR B 287 4.39 -22.42 -15.25
N ASP B 288 5.31 -22.40 -14.29
CA ASP B 288 5.26 -23.36 -13.19
C ASP B 288 4.07 -23.12 -12.26
N ALA B 289 3.48 -21.93 -12.29
CA ALA B 289 2.32 -21.64 -11.46
C ALA B 289 1.00 -21.92 -12.16
N GLY B 290 1.01 -22.12 -13.47
CA GLY B 290 -0.24 -22.27 -14.20
C GLY B 290 -0.38 -23.57 -14.97
N VAL B 291 0.05 -23.57 -16.23
CA VAL B 291 -0.24 -24.69 -17.12
C VAL B 291 0.54 -25.93 -16.72
N LYS B 292 1.77 -25.76 -16.24
CA LYS B 292 2.57 -26.91 -15.82
C LYS B 292 2.04 -27.51 -14.52
N ARG B 293 1.45 -26.70 -13.65
CA ARG B 293 1.03 -27.14 -12.33
C ARG B 293 -0.41 -27.63 -12.35
N LYS B 294 -0.65 -28.74 -11.64
CA LYS B 294 -2.00 -29.21 -11.36
C LYS B 294 -2.71 -28.16 -10.51
N GLY B 295 -3.74 -27.53 -11.05
CA GLY B 295 -4.35 -26.40 -10.38
C GLY B 295 -3.72 -25.10 -10.86
N THR B 296 -3.77 -24.06 -10.03
CA THR B 296 -3.18 -22.77 -10.41
C THR B 296 -2.70 -22.08 -9.16
N ASP B 297 -1.42 -21.67 -9.15
CA ASP B 297 -0.87 -20.85 -8.09
C ASP B 297 -1.20 -19.40 -8.43
N VAL B 298 -2.43 -19.01 -8.11
CA VAL B 298 -2.99 -17.72 -8.48
C VAL B 298 -2.23 -16.57 -7.82
N PRO B 299 -1.94 -16.61 -6.51
CA PRO B 299 -1.19 -15.49 -5.91
C PRO B 299 0.13 -15.20 -6.61
N LYS B 300 0.77 -16.21 -7.19
CA LYS B 300 1.97 -15.95 -8.00
C LYS B 300 1.62 -15.16 -9.25
N TRP B 301 0.52 -15.53 -9.92
CA TRP B 301 0.07 -14.78 -11.08
C TRP B 301 -0.28 -13.34 -10.72
N ILE B 302 -1.05 -13.17 -9.65
CA ILE B 302 -1.45 -11.82 -9.23
C ILE B 302 -0.23 -10.99 -8.88
N SER B 303 0.78 -11.62 -8.26
CA SER B 303 1.99 -10.90 -7.87
C SER B 303 2.72 -10.37 -9.11
N ILE B 304 2.98 -11.24 -10.08
CA ILE B 304 3.79 -10.85 -11.23
C ILE B 304 3.05 -9.85 -12.11
N MET B 305 1.76 -10.09 -12.37
CA MET B 305 1.01 -9.27 -13.31
C MET B 305 0.58 -7.93 -12.73
N THR B 306 0.80 -7.70 -11.43
CA THR B 306 0.46 -6.43 -10.82
C THR B 306 1.65 -5.64 -10.32
N GLU B 307 2.77 -6.30 -9.99
CA GLU B 307 3.94 -5.60 -9.45
C GLU B 307 4.92 -5.20 -10.54
N ARG B 308 5.16 -6.05 -11.53
CA ARG B 308 6.11 -5.74 -12.59
C ARG B 308 5.59 -4.59 -13.44
N SER B 309 6.53 -3.80 -13.97
CA SER B 309 6.17 -2.71 -14.87
C SER B 309 5.54 -3.27 -16.14
N VAL B 310 4.84 -2.40 -16.85
CA VAL B 310 4.14 -2.79 -18.07
C VAL B 310 5.13 -3.18 -19.16
N PRO B 311 6.20 -2.41 -19.43
CA PRO B 311 7.17 -2.88 -20.44
C PRO B 311 7.81 -4.20 -20.09
N HIS B 312 8.08 -4.44 -18.80
CA HIS B 312 8.65 -5.72 -18.38
C HIS B 312 7.70 -6.87 -18.70
N LEU B 313 6.42 -6.70 -18.36
CA LEU B 313 5.45 -7.77 -18.57
C LEU B 313 5.21 -8.05 -20.05
N GLN B 314 5.38 -7.04 -20.91
CA GLN B 314 5.25 -7.29 -22.35
C GLN B 314 6.31 -8.26 -22.83
N LYS B 315 7.55 -8.08 -22.37
CA LYS B 315 8.61 -9.01 -22.75
C LYS B 315 8.46 -10.35 -22.04
N VAL B 316 7.84 -10.36 -20.87
CA VAL B 316 7.58 -11.62 -20.17
C VAL B 316 6.56 -12.45 -20.93
N PHE B 317 5.53 -11.81 -21.48
CA PHE B 317 4.50 -12.54 -22.21
C PHE B 317 5.05 -13.13 -23.51
N ASP B 318 5.96 -12.41 -24.17
CA ASP B 318 6.58 -12.93 -25.38
C ASP B 318 7.57 -14.04 -25.04
N ARG B 319 8.30 -13.90 -23.94
CA ARG B 319 9.18 -14.99 -23.49
C ARG B 319 8.38 -16.17 -22.97
N TYR B 320 7.17 -15.92 -22.46
CA TYR B 320 6.30 -17.01 -22.02
C TYR B 320 5.96 -17.95 -23.16
N LYS B 321 5.83 -17.40 -24.39
CA LYS B 321 5.56 -18.22 -25.55
C LYS B 321 6.66 -19.24 -25.82
N SER B 322 7.86 -19.03 -25.30
CA SER B 322 8.97 -19.93 -25.54
C SER B 322 8.87 -21.21 -24.72
N TYR B 323 8.22 -21.15 -23.55
CA TYR B 323 8.08 -22.31 -22.69
C TYR B 323 6.75 -23.04 -22.88
N SER B 324 5.71 -22.34 -23.35
CA SER B 324 4.37 -22.90 -23.45
C SER B 324 3.89 -22.89 -24.89
N PRO B 325 3.09 -23.89 -25.29
CA PRO B 325 2.48 -23.87 -26.63
C PRO B 325 1.29 -22.94 -26.74
N TYR B 326 0.81 -22.39 -25.62
CA TYR B 326 -0.30 -21.45 -25.62
C TYR B 326 0.20 -20.09 -25.13
N ASP B 327 -0.28 -19.02 -25.76
CA ASP B 327 0.12 -17.68 -25.33
C ASP B 327 -0.50 -17.36 -23.98
N MET B 328 -0.23 -16.15 -23.48
CA MET B 328 -0.71 -15.78 -22.15
C MET B 328 -2.24 -15.70 -22.11
N LEU B 329 -2.87 -15.30 -23.22
CA LEU B 329 -4.32 -15.21 -23.24
C LEU B 329 -4.97 -16.60 -23.23
N GLU B 330 -4.44 -17.53 -24.02
CA GLU B 330 -5.02 -18.87 -24.06
C GLU B 330 -4.74 -19.66 -22.79
N SER B 331 -3.59 -19.41 -22.16
CA SER B 331 -3.33 -20.04 -20.87
C SER B 331 -4.30 -19.56 -19.80
N ILE B 332 -4.91 -18.40 -19.97
CA ILE B 332 -5.87 -17.89 -19.00
C ILE B 332 -7.21 -18.60 -19.15
N ARG B 333 -7.67 -18.80 -20.38
CA ARG B 333 -8.93 -19.49 -20.59
C ARG B 333 -8.86 -20.94 -20.12
N LYS B 334 -7.66 -21.52 -20.10
CA LYS B 334 -7.51 -22.92 -19.73
C LYS B 334 -7.43 -23.11 -18.21
N GLU B 335 -6.81 -22.17 -17.50
CA GLU B 335 -6.46 -22.36 -16.10
C GLU B 335 -7.45 -21.76 -15.13
N VAL B 336 -8.15 -20.68 -15.49
CA VAL B 336 -9.09 -20.02 -14.61
C VAL B 336 -10.39 -19.76 -15.36
N LYS B 337 -11.42 -19.36 -14.61
CA LYS B 337 -12.75 -19.15 -15.16
C LYS B 337 -13.44 -18.03 -14.39
N GLY B 338 -14.61 -17.63 -14.89
CA GLY B 338 -15.44 -16.68 -14.19
C GLY B 338 -14.91 -15.25 -14.23
N ASP B 339 -15.21 -14.51 -13.17
CA ASP B 339 -14.74 -13.13 -13.07
C ASP B 339 -13.22 -13.06 -13.05
N LEU B 340 -12.56 -14.06 -12.47
CA LEU B 340 -11.09 -14.08 -12.48
C LEU B 340 -10.55 -14.21 -13.90
N GLU B 341 -11.27 -14.96 -14.76
CA GLU B 341 -10.82 -15.11 -16.14
C GLU B 341 -10.92 -13.80 -16.91
N ASN B 342 -12.08 -13.15 -16.85
CA ASN B 342 -12.26 -11.89 -17.57
C ASN B 342 -11.28 -10.84 -17.11
N ALA B 343 -11.01 -10.78 -15.81
CA ALA B 343 -10.06 -9.81 -15.29
C ALA B 343 -8.66 -10.05 -15.86
N PHE B 344 -8.19 -11.30 -15.80
CA PHE B 344 -6.89 -11.64 -16.37
C PHE B 344 -6.86 -11.37 -17.87
N LEU B 345 -7.93 -11.75 -18.58
CA LEU B 345 -7.99 -11.50 -20.02
C LEU B 345 -7.94 -10.00 -20.31
N ASN B 346 -8.74 -9.21 -19.59
CA ASN B 346 -8.74 -7.77 -19.81
C ASN B 346 -7.41 -7.14 -19.40
N LEU B 347 -6.79 -7.66 -18.35
CA LEU B 347 -5.53 -7.06 -17.88
C LEU B 347 -4.38 -7.35 -18.85
N VAL B 348 -4.30 -8.59 -19.35
CA VAL B 348 -3.24 -8.93 -20.29
C VAL B 348 -3.38 -8.13 -21.57
N GLN B 349 -4.63 -7.87 -21.99
CA GLN B 349 -4.84 -7.04 -23.18
C GLN B 349 -4.38 -5.61 -22.93
N CYS B 350 -4.69 -5.05 -21.76
CA CYS B 350 -4.24 -3.70 -21.45
C CYS B 350 -2.73 -3.62 -21.34
N ILE B 351 -2.08 -4.71 -20.93
CA ILE B 351 -0.62 -4.73 -20.86
C ILE B 351 -0.01 -4.88 -22.26
N GLN B 352 -0.58 -5.77 -23.07
CA GLN B 352 0.00 -6.03 -24.39
C GLN B 352 -0.27 -4.90 -25.36
N ASN B 353 -1.52 -4.44 -25.44
CA ASN B 353 -1.87 -3.37 -26.37
C ASN B 353 -3.19 -2.74 -25.87
N LYS B 354 -3.05 -1.65 -25.09
CA LYS B 354 -4.19 -0.97 -24.46
C LYS B 354 -5.10 -0.30 -25.48
N PRO B 355 -4.55 0.44 -26.47
CA PRO B 355 -5.42 0.99 -27.51
C PRO B 355 -6.17 -0.07 -28.29
N LEU B 356 -5.55 -1.22 -28.54
CA LEU B 356 -6.26 -2.29 -29.22
C LEU B 356 -7.33 -2.90 -28.33
N TYR B 357 -7.08 -2.93 -27.01
CA TYR B 357 -8.09 -3.41 -26.07
C TYR B 357 -9.37 -2.57 -26.17
N PHE B 358 -9.23 -1.24 -26.17
CA PHE B 358 -10.41 -0.39 -26.28
C PHE B 358 -11.03 -0.46 -27.67
N ALA B 359 -10.22 -0.68 -28.71
CA ALA B 359 -10.76 -0.85 -30.06
C ALA B 359 -11.65 -2.09 -30.14
N ASP B 360 -11.19 -3.20 -29.55
CA ASP B 360 -12.01 -4.41 -29.54
C ASP B 360 -13.28 -4.21 -28.72
N ARG B 361 -13.17 -3.52 -27.58
CA ARG B 361 -14.35 -3.29 -26.75
C ARG B 361 -15.36 -2.41 -27.48
N LEU B 362 -14.88 -1.44 -28.26
CA LEU B 362 -15.80 -0.61 -29.04
C LEU B 362 -16.49 -1.42 -30.13
N TYR B 363 -15.72 -2.26 -30.84
CA TYR B 363 -16.30 -3.10 -31.87
C TYR B 363 -17.34 -4.05 -31.28
N ASP B 364 -17.04 -4.65 -30.13
CA ASP B 364 -17.98 -5.57 -29.51
C ASP B 364 -19.28 -4.88 -29.10
N SER B 365 -19.19 -3.60 -28.74
CA SER B 365 -20.38 -2.88 -28.28
C SER B 365 -21.31 -2.51 -29.42
N MET B 366 -20.83 -2.55 -30.67
CA MET B 366 -21.63 -2.11 -31.81
C MET B 366 -21.84 -3.19 -32.87
N LYS B 367 -21.15 -4.33 -32.78
CA LYS B 367 -21.16 -5.27 -33.90
C LYS B 367 -22.50 -5.98 -34.04
N GLY B 368 -23.14 -6.33 -32.93
CA GLY B 368 -24.35 -7.11 -32.94
C GLY B 368 -25.61 -6.28 -33.06
N LYS B 369 -26.73 -6.90 -32.68
CA LYS B 369 -28.01 -6.22 -32.68
C LYS B 369 -28.02 -5.11 -31.64
N GLY B 370 -28.50 -3.93 -32.02
CA GLY B 370 -28.56 -2.84 -31.08
C GLY B 370 -27.17 -2.33 -30.72
N THR B 371 -27.05 -1.77 -29.52
CA THR B 371 -25.81 -1.18 -29.07
C THR B 371 -25.69 -1.32 -27.56
N ARG B 372 -24.51 -1.72 -27.09
CA ARG B 372 -24.18 -1.69 -25.67
C ARG B 372 -23.69 -0.28 -25.34
N ASP B 373 -24.66 0.63 -25.16
CA ASP B 373 -24.35 2.06 -25.08
C ASP B 373 -23.51 2.40 -23.85
N LYS B 374 -23.71 1.71 -22.73
CA LYS B 374 -22.93 2.02 -21.53
C LYS B 374 -21.43 1.86 -21.81
N VAL B 375 -21.05 0.80 -22.52
CA VAL B 375 -19.63 0.58 -22.82
C VAL B 375 -19.16 1.61 -23.84
N LEU B 376 -19.93 1.80 -24.91
CA LEU B 376 -19.54 2.75 -25.95
C LEU B 376 -19.39 4.16 -25.39
N ILE B 377 -20.34 4.59 -24.56
CA ILE B 377 -20.29 5.95 -24.02
C ILE B 377 -19.12 6.11 -23.05
N ARG B 378 -18.91 5.11 -22.18
CA ARG B 378 -17.85 5.22 -21.18
C ARG B 378 -16.48 5.30 -21.84
N ILE B 379 -16.28 4.58 -22.94
CA ILE B 379 -14.98 4.58 -23.60
C ILE B 379 -14.76 5.90 -24.32
N MET B 380 -15.76 6.38 -25.06
CA MET B 380 -15.61 7.61 -25.81
C MET B 380 -15.33 8.79 -24.90
N VAL B 381 -15.91 8.78 -23.69
CA VAL B 381 -15.70 9.88 -22.76
C VAL B 381 -14.34 9.77 -22.08
N SER B 382 -14.04 8.58 -21.53
CA SER B 382 -12.84 8.43 -20.70
C SER B 382 -11.55 8.40 -21.52
N ARG B 383 -11.61 8.11 -22.81
CA ARG B 383 -10.40 7.96 -23.62
C ARG B 383 -10.27 9.02 -24.71
N SER B 384 -11.23 9.94 -24.84
CA SER B 384 -11.14 10.95 -25.89
C SER B 384 -9.94 11.86 -25.70
N GLU B 385 -9.55 12.12 -24.46
CA GLU B 385 -8.42 12.99 -24.16
C GLU B 385 -7.19 12.21 -23.71
N VAL B 386 -7.19 10.88 -23.87
CA VAL B 386 -6.06 10.06 -23.46
C VAL B 386 -5.35 9.51 -24.69
N ASP B 387 -5.96 8.53 -25.36
CA ASP B 387 -5.31 7.83 -26.47
C ASP B 387 -6.32 7.48 -27.55
N MET B 388 -7.28 8.39 -27.80
CA MET B 388 -8.31 8.09 -28.78
C MET B 388 -7.75 7.98 -30.19
N LEU B 389 -6.66 8.69 -30.50
CA LEU B 389 -6.06 8.57 -31.81
C LEU B 389 -5.40 7.21 -32.01
N LYS B 390 -4.73 6.70 -30.96
CA LYS B 390 -4.20 5.34 -31.02
C LYS B 390 -5.32 4.32 -31.16
N ILE B 391 -6.41 4.52 -30.42
CA ILE B 391 -7.57 3.62 -30.53
C ILE B 391 -8.08 3.59 -31.97
N ARG B 392 -8.20 4.76 -32.59
CA ARG B 392 -8.67 4.83 -33.97
C ARG B 392 -7.69 4.17 -34.94
N SER B 393 -6.39 4.25 -34.66
CA SER B 393 -5.42 3.61 -35.53
C SER B 393 -5.54 2.09 -35.47
N GLU B 394 -5.77 1.54 -34.26
CA GLU B 394 -5.92 0.09 -34.12
C GLU B 394 -7.24 -0.38 -34.69
N PHE B 395 -8.32 0.40 -34.50
CA PHE B 395 -9.63 0.01 -35.01
C PHE B 395 -9.61 -0.07 -36.53
N LYS B 396 -9.06 0.95 -37.20
CA LYS B 396 -8.99 0.96 -38.65
C LYS B 396 -8.16 -0.21 -39.18
N ARG B 397 -7.03 -0.49 -38.53
CA ARG B 397 -6.13 -1.52 -39.01
C ARG B 397 -6.76 -2.90 -38.94
N LYS B 398 -7.50 -3.19 -37.86
CA LYS B 398 -8.03 -4.53 -37.64
C LYS B 398 -9.36 -4.77 -38.33
N TYR B 399 -10.24 -3.77 -38.34
CA TYR B 399 -11.61 -3.95 -38.83
C TYR B 399 -11.85 -3.34 -40.20
N GLY B 400 -10.83 -2.72 -40.81
CA GLY B 400 -11.00 -2.15 -42.14
C GLY B 400 -11.56 -0.75 -42.13
N LYS B 401 -12.79 -0.59 -41.67
CA LYS B 401 -13.43 0.72 -41.63
C LYS B 401 -12.96 1.49 -40.39
N SER B 402 -13.49 2.70 -40.23
CA SER B 402 -13.09 3.58 -39.14
C SER B 402 -14.05 3.48 -37.97
N LEU B 403 -13.57 3.95 -36.81
CA LEU B 403 -14.44 4.03 -35.64
C LEU B 403 -15.58 5.00 -35.88
N TYR B 404 -15.30 6.13 -36.54
CA TYR B 404 -16.32 7.08 -36.95
C TYR B 404 -17.45 6.38 -37.71
N TYR B 405 -17.08 5.48 -38.63
CA TYR B 405 -18.07 4.84 -39.47
C TYR B 405 -19.00 3.94 -38.67
N TYR B 406 -18.44 3.17 -37.72
CA TYR B 406 -19.27 2.27 -36.94
C TYR B 406 -20.18 3.03 -35.99
N ILE B 407 -19.68 4.11 -35.37
CA ILE B 407 -20.52 4.97 -34.55
C ILE B 407 -21.65 5.55 -35.39
N GLN B 408 -21.34 5.97 -36.61
CA GLN B 408 -22.34 6.55 -37.50
C GLN B 408 -23.44 5.57 -37.85
N GLN B 409 -23.10 4.27 -37.91
CA GLN B 409 -24.06 3.25 -38.30
C GLN B 409 -24.92 2.74 -37.16
N ASP B 410 -24.47 2.91 -35.91
CA ASP B 410 -25.20 2.37 -34.76
C ASP B 410 -25.95 3.41 -33.95
N THR B 411 -25.55 4.69 -34.01
CA THR B 411 -26.19 5.75 -33.25
C THR B 411 -26.84 6.75 -34.20
N LYS B 412 -27.91 7.39 -33.71
CA LYS B 412 -28.66 8.35 -34.50
C LYS B 412 -29.07 9.53 -33.62
N GLY B 413 -29.17 10.70 -34.23
CA GLY B 413 -29.61 11.89 -33.54
C GLY B 413 -28.48 12.74 -33.01
N ASP B 414 -28.84 13.65 -32.09
CA ASP B 414 -27.83 14.46 -31.42
C ASP B 414 -26.90 13.61 -30.57
N TYR B 415 -27.39 12.45 -30.11
CA TYR B 415 -26.53 11.49 -29.44
C TYR B 415 -25.40 11.03 -30.35
N GLN B 416 -25.70 10.77 -31.63
CA GLN B 416 -24.66 10.40 -32.57
C GLN B 416 -23.68 11.54 -32.77
N LYS B 417 -24.17 12.78 -32.84
CA LYS B 417 -23.31 13.92 -33.09
C LYS B 417 -22.24 14.05 -32.01
N ALA B 418 -22.64 13.92 -30.75
CA ALA B 418 -21.70 14.05 -29.65
C ALA B 418 -20.60 12.98 -29.73
N LEU B 419 -21.00 11.73 -30.00
CA LEU B 419 -20.00 10.66 -30.07
C LEU B 419 -19.05 10.87 -31.23
N LEU B 420 -19.56 11.40 -32.36
CA LEU B 420 -18.70 11.62 -33.51
C LEU B 420 -17.67 12.72 -33.23
N TYR B 421 -18.06 13.75 -32.48
CA TYR B 421 -17.11 14.79 -32.10
C TYR B 421 -16.03 14.24 -31.18
N LEU B 422 -16.41 13.39 -30.22
CA LEU B 422 -15.42 12.79 -29.34
C LEU B 422 -14.47 11.87 -30.08
N CYS B 423 -14.88 11.33 -31.22
CA CYS B 423 -13.99 10.50 -32.02
C CYS B 423 -12.94 11.33 -32.74
N GLY B 424 -13.36 12.44 -33.35
CA GLY B 424 -12.44 13.30 -34.07
C GLY B 424 -12.71 13.36 -35.55
N GLY B 425 -11.80 12.80 -36.35
CA GLY B 425 -11.97 12.83 -37.79
C GLY B 425 -12.74 11.63 -38.32
N ASP B 426 -13.02 11.68 -39.63
CA ASP B 426 -13.78 10.64 -40.31
C ASP B 426 -13.01 9.36 -40.53
N ASP B 427 -11.82 9.22 -39.94
CA ASP B 427 -11.03 7.99 -40.05
C ASP B 427 -10.17 7.78 -38.81
N SER C 46 -16.69 -11.15 19.64
CA SER C 46 -16.49 -9.74 19.34
C SER C 46 -17.74 -9.11 18.74
N THR C 47 -18.37 -8.22 19.51
CA THR C 47 -19.60 -7.56 19.09
C THR C 47 -19.55 -6.09 19.49
N THR C 48 -20.01 -5.23 18.59
CA THR C 48 -19.99 -3.79 18.79
C THR C 48 -21.23 -3.35 19.56
N LEU C 49 -21.04 -2.39 20.46
CA LEU C 49 -22.12 -1.90 21.30
C LEU C 49 -22.25 -0.37 21.20
C1 GOL D . 7.64 -15.93 9.62
O1 GOL D . 6.69 -15.52 8.67
C2 GOL D . 8.67 -16.84 8.96
O2 GOL D . 9.40 -16.11 7.99
C3 GOL D . 9.63 -17.39 10.01
O3 GOL D . 10.08 -16.33 10.83
C1 GOL E . 0.73 -23.57 2.06
O1 GOL E . 1.26 -22.27 2.23
C2 GOL E . -0.22 -23.89 3.19
O2 GOL E . -0.91 -22.71 3.58
C3 GOL E . -1.22 -24.95 2.74
O3 GOL E . -1.55 -24.73 1.40
C1 GOL F . 7.87 -7.50 17.21
O1 GOL F . 8.39 -6.71 16.16
C2 GOL F . 9.02 -8.13 17.97
O2 GOL F . 8.99 -7.72 19.32
C3 GOL F . 8.93 -9.64 17.86
O3 GOL F . 9.94 -10.24 18.64
CA CA G . 24.18 5.64 40.78
CA CA H . 23.75 -28.42 -6.31
CA CA I . 10.98 -42.09 2.64
CA CA J . 30.82 -14.94 22.22
C1 GOL K . -0.97 -0.02 -15.82
O1 GOL K . -0.77 0.22 -14.44
C2 GOL K . -1.39 -1.47 -16.02
O2 GOL K . -2.17 -1.90 -14.93
C3 GOL K . -2.20 -1.60 -17.30
O3 GOL K . -3.22 -0.63 -17.33
C1 GOL L . 10.82 -4.53 -13.41
O1 GOL L . 9.63 -4.28 -12.69
C2 GOL L . 11.13 -3.34 -14.30
O2 GOL L . 10.48 -2.19 -13.80
C3 GOL L . 12.64 -3.08 -14.30
O3 GOL L . 13.31 -4.24 -14.73
CA CA M . -2.81 -26.34 -14.80
CA CA N . -34.43 19.89 -28.82
CA CA O . -25.03 -2.71 -33.60
#